data_8FZM
#
_entry.id   8FZM
#
_cell.length_a   48.209
_cell.length_b   91.610
_cell.length_c   99.219
_cell.angle_alpha   79.330
_cell.angle_beta   81.040
_cell.angle_gamma   89.960
#
_symmetry.space_group_name_H-M   'P 1'
#
loop_
_entity.id
_entity.type
_entity.pdbx_description
1 polymer 'Importin subunit alpha-3'
2 polymer Bimax2
#
loop_
_entity_poly.entity_id
_entity_poly.type
_entity_poly.pdbx_seq_one_letter_code
_entity_poly.pdbx_strand_id
1 'polypeptide(L)'
;SGDYRVQNTSLEAIVQNASSDNQGIQLSAVQAARKLLSSDRNPPIDDLIKSGILPILVHCLERDDNPSLQFEAAWALTNI
ASGTSEQTQAVVQSNAVPLFLRLLHSPHQNVCEQAVWALGNIIGDGPQCRDYVISLGVVKPLLSFISPSIPITFLRNVTW
VMVNLCRHKDPPPPMETIQEILPALCVLIHHTDVNILVDTVWALSYLTDAGNEQIQMVIDSGIVPHLVPLLSHQEVKVQT
AALRAVGNIVTGTDEQTQVVLNCDALSHFPALLTHPKEKINKEAVWFLSNITAGNQQQVQAVIDANLVPMIIHLLDKGDF
GTQKEAAWAISNLTISGRKDQVAYLIQQNVIPPFCNLLTVKDAQVVQVVLDGLSNILKMAEDEAETIGNLIEECGGLEKI
EQLQNHENEDIYKLAYEIIDQFFSSDDIDEDPSLVPEAIQGGTFGFNSSANVPTEGFQF
;
A,C
2 'polypeptide(L)' SRRRRRRKRKREWDDDDDPPKKRRRLD B,D
#
# COMPACT_ATOMS: atom_id res chain seq x y z
N SER A 10 -7.53 36.15 43.95
CA SER A 10 -8.83 36.39 43.30
C SER A 10 -8.66 36.41 41.77
N LEU A 11 -9.81 36.31 41.09
CA LEU A 11 -9.84 36.26 39.63
C LEU A 11 -9.30 37.53 39.00
N GLU A 12 -9.67 38.69 39.54
CA GLU A 12 -9.13 39.95 39.05
C GLU A 12 -7.61 39.93 38.99
N ALA A 13 -6.98 39.55 40.09
CA ALA A 13 -5.52 39.51 40.12
C ALA A 13 -4.97 38.61 39.02
N ILE A 14 -5.53 37.42 38.89
CA ILE A 14 -5.03 36.45 37.91
C ILE A 14 -5.16 36.96 36.48
N VAL A 15 -6.32 37.51 36.13
CA VAL A 15 -6.48 38.05 34.78
C VAL A 15 -5.50 39.18 34.52
N GLN A 16 -5.35 40.09 35.49
CA GLN A 16 -4.42 41.20 35.34
C GLN A 16 -2.98 40.72 35.19
N ASN A 17 -2.58 39.79 36.04
CA ASN A 17 -1.24 39.22 36.05
C ASN A 17 -0.89 38.39 34.81
N ALA A 18 -1.84 37.66 34.21
CA ALA A 18 -1.38 36.85 33.09
C ALA A 18 -0.85 37.67 31.91
N SER A 19 -1.36 38.89 31.68
CA SER A 19 -0.84 39.78 30.62
C SER A 19 0.29 40.60 31.25
N SER A 20 1.36 39.93 31.66
CA SER A 20 2.49 40.62 32.26
C SER A 20 3.78 40.47 31.51
N ASP A 21 4.65 41.47 31.71
CA ASP A 21 5.98 41.39 31.16
C ASP A 21 6.90 40.47 31.93
N ASN A 22 6.56 40.14 33.18
CA ASN A 22 7.46 39.33 33.99
C ASN A 22 7.15 37.85 33.75
N GLN A 23 8.13 37.07 33.27
CA GLN A 23 7.77 35.75 32.77
C GLN A 23 7.31 34.83 33.88
N GLY A 24 7.75 35.07 35.10
CA GLY A 24 7.32 34.23 36.19
C GLY A 24 5.95 34.50 36.75
N ILE A 25 5.58 35.77 36.85
CA ILE A 25 4.20 36.10 37.18
C ILE A 25 3.23 35.63 36.13
N GLN A 26 3.54 35.86 34.86
CA GLN A 26 2.67 35.34 33.81
C GLN A 26 2.48 33.82 33.90
N LEU A 27 3.58 33.06 33.97
CA LEU A 27 3.42 31.61 34.03
C LEU A 27 2.60 31.20 35.25
N SER A 28 2.94 31.77 36.42
CA SER A 28 2.19 31.54 37.65
C SER A 28 0.70 31.82 37.49
N ALA A 29 0.35 32.91 36.83
CA ALA A 29 -1.07 33.29 36.74
C ALA A 29 -1.82 32.33 35.83
N VAL A 30 -1.22 31.99 34.68
CA VAL A 30 -1.91 31.08 33.77
C VAL A 30 -2.01 29.70 34.43
N GLN A 31 -0.96 29.31 35.16
CA GLN A 31 -0.97 28.07 35.93
C GLN A 31 -2.05 28.04 36.99
N ALA A 32 -2.27 29.17 37.68
CA ALA A 32 -3.36 29.27 38.64
C ALA A 32 -4.71 29.08 37.95
N ALA A 33 -4.89 29.66 36.76
CA ALA A 33 -6.15 29.48 36.05
C ALA A 33 -6.33 28.04 35.62
N ARG A 34 -5.27 27.42 35.12
CA ARG A 34 -5.36 26.02 34.73
C ARG A 34 -5.79 25.17 35.91
N LYS A 35 -5.17 25.42 37.07
CA LYS A 35 -5.43 24.61 38.28
C LYS A 35 -6.85 24.83 38.75
N LEU A 36 -7.40 26.02 38.53
CA LEU A 36 -8.80 26.33 38.93
C LEU A 36 -9.76 25.44 38.13
N LEU A 37 -9.42 25.10 36.89
CA LEU A 37 -10.29 24.28 36.00
C LEU A 37 -10.00 22.78 36.10
N SER A 38 -8.90 22.38 36.72
CA SER A 38 -8.48 20.95 36.74
C SER A 38 -8.22 20.47 38.15
N SER A 39 -9.27 20.32 38.98
CA SER A 39 -9.10 19.86 40.38
C SER A 39 -10.36 19.16 40.94
N ASP A 40 -11.47 19.89 41.13
CA ASP A 40 -12.68 19.42 41.79
C ASP A 40 -13.57 18.71 40.79
N ARG A 41 -14.76 18.25 41.23
CA ARG A 41 -15.76 17.62 40.32
C ARG A 41 -16.49 18.72 39.54
N ASN A 42 -16.51 19.94 40.06
CA ASN A 42 -17.15 21.11 39.40
C ASN A 42 -16.12 22.26 39.30
N PRO A 43 -15.75 22.76 38.09
CA PRO A 43 -14.84 23.90 37.96
C PRO A 43 -15.56 25.23 37.67
N PRO A 44 -15.01 26.40 38.04
CA PRO A 44 -15.66 27.68 37.80
C PRO A 44 -15.40 28.18 36.37
N ILE A 45 -16.12 27.61 35.41
CA ILE A 45 -15.96 27.89 33.95
C ILE A 45 -16.61 29.23 33.59
N ASP A 46 -17.84 29.49 34.02
CA ASP A 46 -18.57 30.75 33.69
C ASP A 46 -17.85 31.95 34.27
N ASP A 47 -17.35 31.86 35.49
CA ASP A 47 -16.64 32.98 36.15
C ASP A 47 -15.35 33.25 35.37
N LEU A 48 -14.66 32.22 34.92
CA LEU A 48 -13.44 32.36 34.10
C LEU A 48 -13.83 32.89 32.72
N ILE A 49 -14.93 32.49 32.11
CA ILE A 49 -15.32 33.04 30.78
C ILE A 49 -15.64 34.53 30.92
N LYS A 50 -16.36 34.92 31.98
CA LYS A 50 -16.86 36.30 32.24
C LYS A 50 -15.75 37.21 32.74
N SER A 51 -14.74 36.67 33.39
CA SER A 51 -13.60 37.43 33.87
C SER A 51 -12.80 38.04 32.74
N GLY A 52 -12.98 37.55 31.50
CA GLY A 52 -12.23 38.06 30.36
C GLY A 52 -10.92 37.36 30.06
N ILE A 53 -10.66 36.19 30.66
CA ILE A 53 -9.38 35.53 30.47
C ILE A 53 -9.19 34.93 29.08
N LEU A 54 -10.27 34.69 28.31
CA LEU A 54 -10.13 33.93 27.07
C LEU A 54 -9.13 34.62 26.15
N PRO A 55 -9.23 35.92 25.87
CA PRO A 55 -8.26 36.49 24.94
C PRO A 55 -6.83 36.39 25.44
N ILE A 56 -6.60 36.42 26.75
CA ILE A 56 -5.25 36.23 27.25
C ILE A 56 -4.74 34.83 26.93
N LEU A 57 -5.57 33.81 27.20
CA LEU A 57 -5.14 32.44 26.91
C LEU A 57 -4.91 32.19 25.42
N VAL A 58 -5.82 32.71 24.58
CA VAL A 58 -5.66 32.51 23.13
C VAL A 58 -4.39 33.19 22.66
N HIS A 59 -4.10 34.38 23.20
CA HIS A 59 -2.86 35.06 22.91
C HIS A 59 -1.67 34.23 23.33
N CYS A 60 -1.78 33.54 24.47
CA CYS A 60 -0.71 32.68 24.97
C CYS A 60 -0.37 31.57 24.00
N LEU A 61 -1.36 31.08 23.23
CA LEU A 61 -1.03 30.03 22.27
C LEU A 61 0.01 30.44 21.21
N GLU A 62 0.21 31.74 20.95
CA GLU A 62 1.20 32.18 19.97
C GLU A 62 2.65 32.13 20.48
N ARG A 63 2.86 31.88 21.78
CA ARG A 63 4.16 32.07 22.41
C ARG A 63 5.07 30.85 22.25
N ASP A 64 5.65 30.74 21.04
CA ASP A 64 6.56 29.65 20.77
C ASP A 64 7.82 29.73 21.64
N ASP A 65 8.12 30.90 22.21
CA ASP A 65 9.26 31.06 23.10
C ASP A 65 9.03 30.57 24.52
N ASN A 66 7.79 30.23 24.88
CA ASN A 66 7.49 29.64 26.19
C ASN A 66 6.56 28.44 26.04
N PRO A 67 7.12 27.26 25.74
CA PRO A 67 6.24 26.10 25.61
C PRO A 67 5.50 25.78 26.88
N SER A 68 6.05 26.10 28.05
CA SER A 68 5.33 25.86 29.29
C SER A 68 4.09 26.74 29.40
N LEU A 69 4.20 28.00 28.97
CA LEU A 69 3.06 28.89 28.96
C LEU A 69 2.02 28.42 27.95
N GLN A 70 2.48 27.97 26.78
CA GLN A 70 1.55 27.46 25.78
C GLN A 70 0.81 26.22 26.28
N PHE A 71 1.53 25.30 26.91
CA PHE A 71 0.91 24.09 27.42
C PHE A 71 -0.14 24.45 28.47
N GLU A 72 0.21 25.33 29.40
CA GLU A 72 -0.73 25.68 30.47
C GLU A 72 -1.97 26.38 29.90
N ALA A 73 -1.78 27.30 28.96
CA ALA A 73 -2.91 28.01 28.36
C ALA A 73 -3.78 27.06 27.55
N ALA A 74 -3.15 26.14 26.82
CA ALA A 74 -3.88 25.16 26.01
C ALA A 74 -4.70 24.27 26.92
N TRP A 75 -4.17 23.93 28.09
CA TRP A 75 -4.90 23.09 29.04
C TRP A 75 -6.07 23.83 29.65
N ALA A 76 -5.86 25.09 30.03
CA ALA A 76 -6.97 25.88 30.50
C ALA A 76 -8.08 25.91 29.46
N LEU A 77 -7.73 26.24 28.21
CA LEU A 77 -8.73 26.33 27.16
C LEU A 77 -9.37 24.98 26.86
N THR A 78 -8.58 23.90 26.94
CA THR A 78 -9.13 22.55 26.79
C THR A 78 -10.28 22.33 27.75
N ASN A 79 -10.06 22.69 29.02
CA ASN A 79 -11.04 22.42 30.07
C ASN A 79 -12.22 23.38 29.99
N ILE A 80 -12.00 24.61 29.55
CA ILE A 80 -13.14 25.49 29.27
C ILE A 80 -14.01 24.88 28.17
N ALA A 81 -13.37 24.33 27.14
CA ALA A 81 -14.10 23.80 26.00
C ALA A 81 -14.84 22.52 26.34
N SER A 82 -14.59 21.95 27.51
CA SER A 82 -15.23 20.72 27.94
C SER A 82 -16.63 20.92 28.50
N GLY A 83 -17.09 22.14 28.63
CA GLY A 83 -18.36 22.41 29.25
C GLY A 83 -19.49 22.35 28.26
N THR A 84 -20.50 23.17 28.49
CA THR A 84 -21.68 23.23 27.64
C THR A 84 -21.33 23.81 26.28
N SER A 85 -22.28 23.71 25.35
CA SER A 85 -22.07 24.24 24.01
C SER A 85 -21.75 25.73 24.03
N GLU A 86 -22.36 26.50 24.93
CA GLU A 86 -22.05 27.93 25.00
C GLU A 86 -20.60 28.16 25.40
N GLN A 87 -20.10 27.37 26.34
CA GLN A 87 -18.71 27.49 26.78
C GLN A 87 -17.73 27.06 25.69
N THR A 88 -18.02 25.95 25.02
CA THR A 88 -17.21 25.52 23.90
C THR A 88 -17.22 26.59 22.80
N GLN A 89 -18.38 27.20 22.55
CA GLN A 89 -18.44 28.19 21.49
C GLN A 89 -17.68 29.43 21.88
N ALA A 90 -17.59 29.75 23.18
CA ALA A 90 -16.78 30.88 23.60
C ALA A 90 -15.31 30.64 23.28
N VAL A 91 -14.86 29.40 23.48
CA VAL A 91 -13.49 29.08 23.08
C VAL A 91 -13.34 29.22 21.57
N VAL A 92 -14.31 28.71 20.81
CA VAL A 92 -14.25 28.80 19.35
C VAL A 92 -14.30 30.24 18.85
N GLN A 93 -15.17 31.06 19.43
CA GLN A 93 -15.35 32.46 19.05
C GLN A 93 -14.16 33.32 19.43
N SER A 94 -13.34 32.89 20.37
CA SER A 94 -12.13 33.62 20.68
C SER A 94 -10.99 33.32 19.73
N ASN A 95 -11.27 32.66 18.60
CA ASN A 95 -10.28 32.28 17.59
C ASN A 95 -9.24 31.25 18.04
N ALA A 96 -9.59 30.36 18.96
CA ALA A 96 -8.64 29.34 19.39
C ALA A 96 -8.30 28.31 18.32
N VAL A 97 -9.26 27.96 17.45
CA VAL A 97 -9.07 26.77 16.59
C VAL A 97 -7.84 26.90 15.70
N PRO A 98 -7.65 27.99 14.97
CA PRO A 98 -6.47 28.08 14.11
C PRO A 98 -5.17 27.99 14.88
N LEU A 99 -5.17 28.49 16.11
CA LEU A 99 -3.97 28.44 16.95
C LEU A 99 -3.67 27.04 17.46
N PHE A 100 -4.71 26.27 17.78
CA PHE A 100 -4.47 24.87 18.14
C PHE A 100 -3.93 24.09 16.94
N LEU A 101 -4.48 24.38 15.75
CA LEU A 101 -4.01 23.72 14.54
C LEU A 101 -2.54 24.04 14.31
N ARG A 102 -2.14 25.29 14.56
CA ARG A 102 -0.73 25.63 14.63
C ARG A 102 0.05 24.78 15.61
N LEU A 103 -0.47 24.62 16.83
CA LEU A 103 0.33 23.91 17.82
C LEU A 103 0.46 22.42 17.54
N LEU A 104 -0.31 21.88 16.59
CA LEU A 104 -0.05 20.52 16.15
C LEU A 104 1.34 20.36 15.54
N HIS A 105 2.00 21.44 15.14
CA HIS A 105 3.33 21.31 14.54
C HIS A 105 4.44 21.71 15.50
N SER A 106 4.12 21.84 16.77
CA SER A 106 5.09 22.16 17.80
C SER A 106 6.12 21.06 17.98
N PRO A 107 7.40 21.39 18.18
CA PRO A 107 8.39 20.34 18.50
C PRO A 107 8.20 19.76 19.90
N HIS A 108 7.35 20.35 20.75
CA HIS A 108 7.18 19.88 22.12
C HIS A 108 5.94 18.99 22.18
N GLN A 109 6.19 17.72 22.48
CA GLN A 109 5.14 16.71 22.47
C GLN A 109 3.95 17.03 23.36
N ASN A 110 4.20 17.46 24.60
CA ASN A 110 3.07 17.66 25.50
C ASN A 110 2.21 18.82 25.00
N VAL A 111 2.84 19.83 24.39
CA VAL A 111 2.09 20.95 23.83
C VAL A 111 1.23 20.42 22.68
N CYS A 112 1.82 19.57 21.83
CA CYS A 112 1.10 18.99 20.70
C CYS A 112 -0.10 18.17 21.15
N GLU A 113 0.11 17.34 22.18
CA GLU A 113 -0.96 16.50 22.72
C GLU A 113 -2.06 17.36 23.32
N GLN A 114 -1.71 18.44 24.01
CA GLN A 114 -2.76 19.28 24.55
C GLN A 114 -3.53 19.98 23.45
N ALA A 115 -2.87 20.31 22.35
CA ALA A 115 -3.58 20.91 21.23
C ALA A 115 -4.57 19.94 20.62
N VAL A 116 -4.15 18.68 20.50
CA VAL A 116 -5.04 17.60 20.04
C VAL A 116 -6.24 17.47 20.95
N TRP A 117 -6.00 17.49 22.26
CA TRP A 117 -7.07 17.30 23.23
C TRP A 117 -8.10 18.42 23.16
N ALA A 118 -7.61 19.66 23.10
CA ALA A 118 -8.52 20.79 22.99
C ALA A 118 -9.34 20.70 21.71
N LEU A 119 -8.68 20.35 20.61
CA LEU A 119 -9.39 20.19 19.35
C LEU A 119 -10.39 19.04 19.43
N GLY A 120 -10.05 17.97 20.16
CA GLY A 120 -11.02 16.90 20.35
C GLY A 120 -12.30 17.37 21.02
N ASN A 121 -12.15 18.16 22.10
CA ASN A 121 -13.34 18.70 22.78
C ASN A 121 -14.13 19.63 21.86
N ILE A 122 -13.42 20.45 21.07
CA ILE A 122 -14.12 21.34 20.15
C ILE A 122 -14.88 20.54 19.11
N ILE A 123 -14.20 19.57 18.49
CA ILE A 123 -14.81 18.74 17.46
C ILE A 123 -16.02 17.99 18.01
N GLY A 124 -15.94 17.59 19.28
CA GLY A 124 -17.00 16.81 19.87
C GLY A 124 -18.28 17.59 20.13
N ASP A 125 -18.23 18.90 20.04
CA ASP A 125 -19.42 19.68 20.38
C ASP A 125 -20.55 19.43 19.41
N GLY A 126 -20.25 19.17 18.14
CA GLY A 126 -21.30 18.97 17.17
C GLY A 126 -20.85 19.01 15.73
N PRO A 127 -21.80 18.81 14.82
CA PRO A 127 -21.40 18.61 13.43
C PRO A 127 -20.85 19.85 12.77
N GLN A 128 -21.44 21.01 13.03
CA GLN A 128 -20.94 22.24 12.42
C GLN A 128 -19.55 22.59 12.95
N CYS A 129 -19.30 22.39 14.24
CA CYS A 129 -17.97 22.66 14.78
C CYS A 129 -16.94 21.71 14.20
N ARG A 130 -17.26 20.41 14.20
CA ARG A 130 -16.44 19.42 13.50
C ARG A 130 -16.13 19.83 12.07
N ASP A 131 -17.13 20.27 11.33
CA ASP A 131 -16.92 20.54 9.91
C ASP A 131 -16.06 21.78 9.74
N TYR A 132 -16.16 22.74 10.67
CA TYR A 132 -15.23 23.85 10.68
C TYR A 132 -13.79 23.39 10.91
N VAL A 133 -13.59 22.58 11.94
CA VAL A 133 -12.25 22.09 12.25
C VAL A 133 -11.70 21.28 11.09
N ILE A 134 -12.53 20.41 10.51
CA ILE A 134 -12.15 19.64 9.32
C ILE A 134 -11.71 20.56 8.19
N SER A 135 -12.52 21.60 7.91
CA SER A 135 -12.24 22.48 6.78
C SER A 135 -10.91 23.20 6.96
N LEU A 136 -10.46 23.34 8.19
CA LEU A 136 -9.18 23.98 8.41
C LEU A 136 -8.01 23.01 8.35
N GLY A 137 -8.26 21.72 8.15
CA GLY A 137 -7.21 20.77 7.87
C GLY A 137 -6.72 19.92 9.01
N VAL A 138 -7.55 19.68 10.03
CA VAL A 138 -7.10 18.91 11.20
C VAL A 138 -6.73 17.46 10.86
N VAL A 139 -7.37 16.85 9.88
CA VAL A 139 -7.29 15.39 9.80
C VAL A 139 -5.90 14.94 9.41
N LYS A 140 -5.28 15.51 8.37
CA LYS A 140 -3.94 15.05 8.02
C LYS A 140 -2.93 15.20 9.16
N PRO A 141 -2.76 16.38 9.77
CA PRO A 141 -1.78 16.47 10.88
C PRO A 141 -2.15 15.57 12.04
N LEU A 142 -3.45 15.41 12.31
CA LEU A 142 -3.87 14.50 13.37
C LEU A 142 -3.46 13.05 13.07
N LEU A 143 -3.74 12.55 11.86
CA LEU A 143 -3.44 11.16 11.55
C LEU A 143 -1.94 10.95 11.37
N SER A 144 -1.19 12.02 11.09
CA SER A 144 0.26 11.90 10.96
C SER A 144 0.89 11.47 12.29
N PHE A 145 0.22 11.70 13.42
CA PHE A 145 0.78 11.25 14.68
C PHE A 145 0.81 9.74 14.81
N ILE A 146 -0.04 9.02 14.07
CA ILE A 146 -0.17 7.58 14.24
C ILE A 146 1.08 6.92 13.68
N SER A 147 1.93 6.44 14.55
CA SER A 147 3.20 5.86 14.14
C SER A 147 3.62 4.87 15.20
N PRO A 148 4.57 4.00 14.90
CA PRO A 148 5.02 3.06 15.93
C PRO A 148 5.63 3.72 17.15
N SER A 149 6.30 4.85 17.03
CA SER A 149 7.01 5.42 18.19
C SER A 149 6.15 6.34 19.06
N ILE A 150 4.94 6.71 18.64
CA ILE A 150 4.20 7.69 19.45
C ILE A 150 3.88 7.05 20.81
N PRO A 151 4.05 7.78 21.92
CA PRO A 151 3.65 7.23 23.24
C PRO A 151 2.17 6.94 23.32
N ILE A 152 1.85 5.90 24.08
CA ILE A 152 0.50 5.32 24.09
C ILE A 152 -0.55 6.28 24.65
N THR A 153 -0.20 7.07 25.66
CA THR A 153 -1.17 8.02 26.20
C THR A 153 -1.62 8.99 25.10
N PHE A 154 -0.64 9.46 24.32
CA PHE A 154 -0.89 10.32 23.16
C PHE A 154 -1.66 9.61 22.06
N LEU A 155 -1.28 8.38 21.74
CA LEU A 155 -1.98 7.68 20.66
C LEU A 155 -3.46 7.55 21.02
N ARG A 156 -3.74 7.26 22.30
CA ARG A 156 -5.12 7.17 22.78
C ARG A 156 -5.88 8.48 22.60
N ASN A 157 -5.20 9.60 22.85
CA ASN A 157 -5.88 10.89 22.68
C ASN A 157 -6.18 11.19 21.21
N VAL A 158 -5.25 10.83 20.34
CA VAL A 158 -5.49 10.93 18.90
C VAL A 158 -6.73 10.14 18.49
N THR A 159 -6.82 8.88 18.95
CA THR A 159 -7.93 8.03 18.53
C THR A 159 -9.27 8.52 19.06
N TRP A 160 -9.27 9.10 20.26
CA TRP A 160 -10.50 9.69 20.76
C TRP A 160 -10.96 10.82 19.85
N VAL A 161 -10.02 11.68 19.39
CA VAL A 161 -10.40 12.73 18.45
C VAL A 161 -10.98 12.12 17.16
N MET A 162 -10.41 11.01 16.69
CA MET A 162 -10.99 10.35 15.50
C MET A 162 -12.42 9.89 15.73
N VAL A 163 -12.72 9.38 16.93
CA VAL A 163 -14.09 9.02 17.25
C VAL A 163 -14.99 10.24 17.08
N ASN A 164 -14.57 11.36 17.64
CA ASN A 164 -15.38 12.57 17.55
C ASN A 164 -15.53 13.08 16.12
N LEU A 165 -14.55 12.81 15.26
CA LEU A 165 -14.70 13.17 13.84
C LEU A 165 -15.74 12.30 13.15
N CYS A 166 -15.88 11.05 13.60
CA CYS A 166 -16.77 10.08 12.99
C CYS A 166 -18.20 10.02 13.51
N ARG A 167 -18.50 10.51 14.72
CA ARG A 167 -19.81 10.25 15.32
C ARG A 167 -21.02 11.13 15.08
N HIS A 168 -20.94 12.27 14.45
CA HIS A 168 -22.14 13.08 14.31
C HIS A 168 -22.73 12.84 12.93
N LYS A 169 -24.07 12.73 12.82
CA LYS A 169 -24.64 12.19 11.61
C LYS A 169 -25.53 13.19 10.85
N ASP A 170 -25.68 14.42 11.35
CA ASP A 170 -26.53 15.44 10.72
C ASP A 170 -25.74 16.72 10.46
N PRO A 171 -24.84 16.73 9.45
CA PRO A 171 -24.48 15.63 8.53
C PRO A 171 -23.36 14.75 9.11
N PRO A 172 -23.12 13.60 8.49
CA PRO A 172 -21.88 12.83 8.71
C PRO A 172 -20.67 13.59 8.20
N PRO A 173 -19.46 13.20 8.60
CA PRO A 173 -18.26 13.89 8.10
C PRO A 173 -18.18 13.76 6.59
N PRO A 174 -17.50 14.68 5.91
CA PRO A 174 -17.43 14.61 4.46
C PRO A 174 -16.79 13.29 4.02
N MET A 175 -17.19 12.83 2.83
CA MET A 175 -16.62 11.60 2.29
C MET A 175 -15.10 11.66 2.25
N GLU A 176 -14.53 12.79 1.84
CA GLU A 176 -13.07 12.84 1.77
C GLU A 176 -12.44 12.63 3.15
N THR A 177 -13.09 13.13 4.20
CA THR A 177 -12.60 12.90 5.56
C THR A 177 -12.71 11.43 5.93
N ILE A 178 -13.84 10.80 5.58
CA ILE A 178 -13.99 9.36 5.86
C ILE A 178 -12.90 8.58 5.15
N GLN A 179 -12.61 8.96 3.89
CA GLN A 179 -11.58 8.30 3.10
C GLN A 179 -10.21 8.44 3.73
N GLU A 180 -9.94 9.57 4.41
CA GLU A 180 -8.66 9.70 5.11
C GLU A 180 -8.62 8.87 6.39
N ILE A 181 -9.73 8.80 7.12
CA ILE A 181 -9.68 8.09 8.41
C ILE A 181 -9.64 6.57 8.24
N LEU A 182 -10.29 6.02 7.21
CA LEU A 182 -10.39 4.57 7.12
C LEU A 182 -9.02 3.91 7.01
N PRO A 183 -8.06 4.44 6.25
CA PRO A 183 -6.72 3.81 6.25
C PRO A 183 -6.05 3.82 7.62
N ALA A 184 -6.28 4.87 8.41
CA ALA A 184 -5.74 4.90 9.77
C ALA A 184 -6.41 3.88 10.67
N LEU A 185 -7.73 3.69 10.53
CA LEU A 185 -8.40 2.67 11.32
C LEU A 185 -7.89 1.28 10.94
N CYS A 186 -7.62 1.06 9.66
CA CYS A 186 -7.06 -0.21 9.22
C CYS A 186 -5.73 -0.45 9.92
N VAL A 187 -4.97 0.61 10.17
CA VAL A 187 -3.73 0.46 10.94
C VAL A 187 -4.02 0.16 12.42
N LEU A 188 -4.91 0.95 13.04
CA LEU A 188 -5.13 0.91 14.48
C LEU A 188 -5.86 -0.33 14.98
N ILE A 189 -6.65 -1.00 14.15
CA ILE A 189 -7.40 -2.18 14.61
C ILE A 189 -6.51 -3.36 14.99
N HIS A 190 -5.24 -3.36 14.61
CA HIS A 190 -4.29 -4.40 15.02
C HIS A 190 -3.51 -4.03 16.28
N HIS A 191 -3.78 -2.88 16.88
CA HIS A 191 -3.08 -2.51 18.11
C HIS A 191 -3.47 -3.49 19.20
N THR A 192 -2.59 -3.65 20.20
CA THR A 192 -2.93 -4.56 21.27
C THR A 192 -3.57 -3.84 22.46
N ASP A 193 -3.43 -2.53 22.55
CA ASP A 193 -3.99 -1.75 23.65
C ASP A 193 -5.51 -1.69 23.60
N VAL A 194 -6.15 -2.01 24.73
CA VAL A 194 -7.61 -2.09 24.77
C VAL A 194 -8.29 -0.75 24.54
N ASN A 195 -7.82 0.30 25.19
CA ASN A 195 -8.50 1.58 25.03
C ASN A 195 -8.46 2.08 23.59
N ILE A 196 -7.30 1.93 22.91
CA ILE A 196 -7.18 2.25 21.49
C ILE A 196 -8.08 1.38 20.62
N LEU A 197 -8.12 0.08 20.92
CA LEU A 197 -8.95 -0.84 20.14
C LEU A 197 -10.42 -0.51 20.31
N VAL A 198 -10.82 -0.23 21.54
CA VAL A 198 -12.21 0.13 21.82
C VAL A 198 -12.61 1.36 21.02
N ASP A 199 -11.76 2.41 21.04
CA ASP A 199 -12.09 3.64 20.33
C ASP A 199 -12.09 3.42 18.82
N THR A 200 -11.10 2.70 18.29
CA THR A 200 -11.06 2.40 16.87
C THR A 200 -12.35 1.73 16.40
N VAL A 201 -12.80 0.72 17.16
CA VAL A 201 -14.00 -0.04 16.79
C VAL A 201 -15.26 0.81 16.97
N TRP A 202 -15.31 1.64 18.01
CA TRP A 202 -16.44 2.54 18.16
C TRP A 202 -16.52 3.50 16.96
N ALA A 203 -15.36 3.98 16.48
CA ALA A 203 -15.34 4.82 15.29
C ALA A 203 -15.96 4.10 14.11
N LEU A 204 -15.58 2.83 13.91
CA LEU A 204 -16.19 2.05 12.82
C LEU A 204 -17.69 1.95 13.00
N SER A 205 -18.16 1.75 14.24
CA SER A 205 -19.60 1.61 14.43
C SER A 205 -20.34 2.91 14.09
N TYR A 206 -19.68 4.06 14.31
CA TYR A 206 -20.25 5.35 13.93
C TYR A 206 -20.28 5.55 12.42
N LEU A 207 -19.24 5.07 11.72
CA LEU A 207 -19.25 5.15 10.25
C LEU A 207 -20.33 4.26 9.66
N THR A 208 -20.51 3.07 10.21
CA THR A 208 -21.48 2.12 9.68
C THR A 208 -22.92 2.47 10.00
N ASP A 209 -23.18 3.40 10.90
CA ASP A 209 -24.57 3.81 11.09
C ASP A 209 -25.02 4.98 10.22
N ALA A 210 -24.15 5.50 9.35
CA ALA A 210 -24.40 6.74 8.61
C ALA A 210 -25.12 6.50 7.29
N GLY A 211 -25.27 5.24 6.87
CA GLY A 211 -25.92 4.96 5.61
C GLY A 211 -25.21 3.92 4.77
N ASN A 212 -25.88 3.45 3.69
CA ASN A 212 -25.34 2.35 2.90
C ASN A 212 -24.07 2.74 2.14
N GLU A 213 -23.92 4.03 1.77
CA GLU A 213 -22.69 4.41 1.07
C GLU A 213 -21.50 4.41 2.02
N GLN A 214 -21.70 4.82 3.28
CA GLN A 214 -20.61 4.74 4.24
C GLN A 214 -20.32 3.29 4.63
N ILE A 215 -21.37 2.46 4.72
CA ILE A 215 -21.14 1.03 4.93
C ILE A 215 -20.23 0.50 3.82
N GLN A 216 -20.53 0.87 2.56
CA GLN A 216 -19.76 0.37 1.44
C GLN A 216 -18.31 0.85 1.51
N MET A 217 -18.11 2.09 1.94
CA MET A 217 -16.74 2.57 2.10
C MET A 217 -15.99 1.76 3.15
N VAL A 218 -16.66 1.47 4.27
CA VAL A 218 -16.06 0.65 5.31
C VAL A 218 -15.72 -0.74 4.78
N ILE A 219 -16.66 -1.37 4.06
CA ILE A 219 -16.37 -2.66 3.43
C ILE A 219 -15.14 -2.55 2.53
N ASP A 220 -15.12 -1.53 1.66
CA ASP A 220 -14.06 -1.37 0.67
C ASP A 220 -12.69 -1.08 1.30
N SER A 221 -12.65 -0.65 2.56
CA SER A 221 -11.32 -0.46 3.16
C SER A 221 -10.64 -1.80 3.38
N GLY A 222 -11.40 -2.90 3.38
CA GLY A 222 -10.91 -4.22 3.67
C GLY A 222 -10.88 -4.61 5.12
N ILE A 223 -11.43 -3.78 6.02
CA ILE A 223 -11.29 -3.97 7.46
C ILE A 223 -12.28 -4.96 8.05
N VAL A 224 -13.38 -5.28 7.37
CA VAL A 224 -14.42 -6.10 7.99
C VAL A 224 -13.89 -7.46 8.42
N PRO A 225 -13.00 -8.12 7.67
CA PRO A 225 -12.48 -9.41 8.16
C PRO A 225 -11.63 -9.30 9.42
N HIS A 226 -11.10 -8.12 9.74
CA HIS A 226 -10.42 -7.83 11.00
C HIS A 226 -11.41 -7.44 12.09
N LEU A 227 -12.56 -6.93 11.69
CA LEU A 227 -13.55 -6.46 12.66
C LEU A 227 -14.36 -7.64 13.19
N VAL A 228 -14.80 -8.52 12.28
CA VAL A 228 -15.70 -9.62 12.67
C VAL A 228 -15.08 -10.45 13.80
N PRO A 229 -13.79 -10.79 13.76
CA PRO A 229 -13.25 -11.67 14.82
C PRO A 229 -13.18 -11.00 16.19
N LEU A 230 -13.32 -9.69 16.25
CA LEU A 230 -13.35 -9.05 17.55
C LEU A 230 -14.62 -9.34 18.33
N LEU A 231 -15.64 -9.93 17.70
CA LEU A 231 -16.81 -10.41 18.45
C LEU A 231 -16.45 -11.41 19.53
N SER A 232 -15.32 -12.10 19.42
CA SER A 232 -14.88 -13.03 20.44
C SER A 232 -13.64 -12.56 21.21
N HIS A 233 -13.36 -11.26 21.19
CA HIS A 233 -12.25 -10.68 21.96
C HIS A 233 -12.45 -10.91 23.44
N GLN A 234 -11.33 -10.92 24.19
CA GLN A 234 -11.45 -11.09 25.65
C GLN A 234 -12.11 -9.92 26.37
N GLU A 235 -11.99 -8.68 25.90
CA GLU A 235 -12.57 -7.53 26.59
C GLU A 235 -13.99 -7.27 26.09
N VAL A 236 -14.96 -7.25 27.01
CA VAL A 236 -16.37 -7.09 26.62
C VAL A 236 -16.62 -5.73 25.95
N LYS A 237 -15.89 -4.68 26.33
CA LYS A 237 -16.11 -3.40 25.66
C LYS A 237 -15.80 -3.50 24.17
N VAL A 238 -14.79 -4.30 23.83
CA VAL A 238 -14.45 -4.54 22.44
C VAL A 238 -15.51 -5.40 21.76
N GLN A 239 -15.91 -6.49 22.42
CA GLN A 239 -16.96 -7.32 21.82
C GLN A 239 -18.20 -6.52 21.47
N THR A 240 -18.69 -5.69 22.39
CA THR A 240 -19.95 -4.99 22.11
C THR A 240 -19.79 -3.85 21.11
N ALA A 241 -18.65 -3.14 21.11
CA ALA A 241 -18.40 -2.20 20.01
C ALA A 241 -18.42 -2.89 18.64
N ALA A 242 -17.77 -4.06 18.55
CA ALA A 242 -17.72 -4.74 17.27
C ALA A 242 -19.10 -5.26 16.89
N LEU A 243 -19.84 -5.73 17.89
CA LEU A 243 -21.20 -6.19 17.63
C LEU A 243 -22.06 -5.08 17.07
N ARG A 244 -21.90 -3.85 17.56
CA ARG A 244 -22.62 -2.72 16.98
C ARG A 244 -22.17 -2.49 15.54
N ALA A 245 -20.86 -2.52 15.28
CA ALA A 245 -20.37 -2.15 13.95
C ALA A 245 -20.82 -3.12 12.87
N VAL A 246 -20.68 -4.44 13.13
CA VAL A 246 -21.13 -5.43 12.15
C VAL A 246 -22.66 -5.49 12.11
N GLY A 247 -23.33 -5.25 13.24
CA GLY A 247 -24.79 -5.21 13.20
C GLY A 247 -25.26 -4.13 12.25
N ASN A 248 -24.58 -2.97 12.27
CA ASN A 248 -24.95 -1.90 11.35
C ASN A 248 -24.64 -2.26 9.91
N ILE A 249 -23.50 -2.95 9.66
CA ILE A 249 -23.23 -3.37 8.28
C ILE A 249 -24.36 -4.24 7.74
N VAL A 250 -24.86 -5.19 8.54
CA VAL A 250 -25.88 -6.09 8.02
C VAL A 250 -27.28 -5.46 8.02
N THR A 251 -27.35 -4.16 8.27
CA THR A 251 -28.56 -3.42 7.91
C THR A 251 -28.57 -2.99 6.45
N GLY A 252 -27.49 -3.23 5.72
CA GLY A 252 -27.39 -2.84 4.34
C GLY A 252 -28.00 -3.83 3.39
N THR A 253 -27.50 -3.84 2.16
CA THR A 253 -28.07 -4.72 1.16
C THR A 253 -27.66 -6.17 1.43
N ASP A 254 -28.30 -7.09 0.69
CA ASP A 254 -27.98 -8.51 0.79
C ASP A 254 -26.51 -8.73 0.43
N GLU A 255 -26.05 -8.02 -0.58
CA GLU A 255 -24.68 -8.13 -1.02
C GLU A 255 -23.72 -7.70 0.10
N GLN A 256 -24.05 -6.59 0.79
CA GLN A 256 -23.26 -6.09 1.91
C GLN A 256 -23.27 -7.02 3.12
N THR A 257 -24.46 -7.58 3.42
CA THR A 257 -24.61 -8.51 4.52
C THR A 257 -23.73 -9.75 4.32
N GLN A 258 -23.66 -10.22 3.08
CA GLN A 258 -22.90 -11.44 2.82
C GLN A 258 -21.40 -11.23 3.09
N VAL A 259 -20.87 -10.03 2.89
CA VAL A 259 -19.48 -9.77 3.23
C VAL A 259 -19.21 -10.11 4.69
N VAL A 260 -20.14 -9.73 5.57
CA VAL A 260 -19.99 -10.01 7.00
C VAL A 260 -20.14 -11.50 7.24
N LEU A 261 -21.14 -12.15 6.63
CA LEU A 261 -21.32 -13.58 6.89
C LEU A 261 -20.12 -14.40 6.41
N ASN A 262 -19.52 -14.03 5.28
CA ASN A 262 -18.34 -14.73 4.76
C ASN A 262 -17.13 -14.61 5.68
N CYS A 263 -17.16 -13.71 6.65
CA CYS A 263 -16.11 -13.60 7.65
C CYS A 263 -16.38 -14.57 8.83
N ASP A 264 -17.34 -15.48 8.64
CA ASP A 264 -17.77 -16.46 9.65
C ASP A 264 -18.40 -15.81 10.86
N ALA A 265 -19.12 -14.71 10.63
CA ALA A 265 -19.75 -14.03 11.76
C ALA A 265 -20.63 -14.94 12.59
N LEU A 266 -21.34 -15.87 11.96
CA LEU A 266 -22.30 -16.65 12.72
C LEU A 266 -21.60 -17.57 13.72
N SER A 267 -20.33 -17.91 13.47
CA SER A 267 -19.62 -18.74 14.43
C SER A 267 -19.39 -18.06 15.78
N HIS A 268 -19.51 -16.73 15.85
CA HIS A 268 -19.32 -15.99 17.08
C HIS A 268 -20.56 -15.85 17.95
N PHE A 269 -21.70 -16.30 17.47
CA PHE A 269 -22.96 -15.95 18.13
C PHE A 269 -23.43 -16.87 19.26
N PRO A 270 -23.03 -18.14 19.34
CA PRO A 270 -23.46 -18.91 20.50
C PRO A 270 -23.06 -18.27 21.82
N ALA A 271 -21.85 -17.71 21.88
CA ALA A 271 -21.30 -17.05 23.07
C ALA A 271 -21.90 -15.68 23.32
N LEU A 272 -22.59 -15.10 22.35
CA LEU A 272 -23.32 -13.87 22.54
C LEU A 272 -24.78 -14.12 22.91
N LEU A 273 -25.40 -15.15 22.35
CA LEU A 273 -26.77 -15.47 22.70
C LEU A 273 -26.86 -16.04 24.10
N THR A 274 -25.81 -16.69 24.59
CA THR A 274 -25.78 -17.21 25.95
C THR A 274 -25.05 -16.32 26.97
N HIS A 275 -24.58 -15.12 26.55
CA HIS A 275 -23.84 -14.21 27.44
C HIS A 275 -24.69 -13.86 28.67
N PRO A 276 -24.07 -13.75 29.86
CA PRO A 276 -24.86 -13.30 31.01
C PRO A 276 -25.53 -11.96 30.83
N LYS A 277 -24.92 -11.04 30.08
CA LYS A 277 -25.47 -9.69 29.92
C LYS A 277 -26.58 -9.66 28.87
N GLU A 278 -27.78 -9.29 29.34
CA GLU A 278 -28.95 -9.24 28.47
C GLU A 278 -28.76 -8.23 27.34
N LYS A 279 -28.03 -7.14 27.57
CA LYS A 279 -27.89 -6.17 26.49
C LYS A 279 -27.16 -6.82 25.32
N ILE A 280 -26.20 -7.72 25.61
CA ILE A 280 -25.49 -8.40 24.54
C ILE A 280 -26.43 -9.40 23.88
N ASN A 281 -27.22 -10.12 24.66
CA ASN A 281 -28.22 -10.99 24.04
C ASN A 281 -29.09 -10.20 23.05
N LYS A 282 -29.57 -9.04 23.47
CA LYS A 282 -30.53 -8.22 22.69
C LYS A 282 -29.89 -7.72 21.42
N GLU A 283 -28.62 -7.35 21.45
CA GLU A 283 -27.89 -6.86 20.27
C GLU A 283 -27.74 -8.02 19.32
N ALA A 284 -27.33 -9.16 19.83
CA ALA A 284 -27.07 -10.33 18.98
C ALA A 284 -28.34 -10.80 18.29
N VAL A 285 -29.48 -10.80 18.99
CA VAL A 285 -30.70 -11.25 18.34
C VAL A 285 -31.15 -10.25 17.29
N TRP A 286 -30.91 -8.96 17.54
CA TRP A 286 -31.21 -7.88 16.56
C TRP A 286 -30.32 -8.09 15.34
N PHE A 287 -29.08 -8.44 15.43
CA PHE A 287 -28.23 -8.82 14.31
C PHE A 287 -28.84 -9.99 13.54
N LEU A 288 -29.17 -11.06 14.25
CA LEU A 288 -29.70 -12.23 13.56
C LEU A 288 -31.02 -11.91 12.85
N SER A 289 -31.84 -11.03 13.43
CA SER A 289 -33.10 -10.68 12.77
C SER A 289 -32.82 -9.99 11.44
N ASN A 290 -31.67 -9.32 11.35
CA ASN A 290 -31.29 -8.70 10.09
C ASN A 290 -30.69 -9.69 9.13
N ILE A 291 -30.15 -10.79 9.63
CA ILE A 291 -29.71 -11.86 8.72
C ILE A 291 -30.94 -12.59 8.17
N THR A 292 -31.92 -12.90 9.03
CA THR A 292 -33.07 -13.66 8.56
C THR A 292 -33.96 -12.83 7.66
N ALA A 293 -33.80 -11.49 7.69
CA ALA A 293 -34.44 -10.65 6.70
C ALA A 293 -33.78 -10.71 5.32
N GLY A 294 -32.68 -11.45 5.17
CA GLY A 294 -31.93 -11.51 3.93
C GLY A 294 -32.48 -12.54 2.98
N ASN A 295 -31.64 -12.98 2.04
CA ASN A 295 -32.16 -13.93 1.05
C ASN A 295 -32.24 -15.34 1.64
N GLN A 296 -32.79 -16.29 0.86
CA GLN A 296 -32.93 -17.66 1.33
C GLN A 296 -31.60 -18.32 1.70
N GLN A 297 -30.50 -17.96 1.02
CA GLN A 297 -29.22 -18.60 1.34
C GLN A 297 -28.71 -18.11 2.69
N GLN A 298 -29.03 -16.88 3.04
CA GLN A 298 -28.62 -16.30 4.32
C GLN A 298 -29.48 -16.86 5.45
N VAL A 299 -30.78 -17.02 5.20
CA VAL A 299 -31.64 -17.72 6.15
C VAL A 299 -31.08 -19.11 6.42
N GLN A 300 -30.73 -19.84 5.36
CA GLN A 300 -30.20 -21.18 5.58
C GLN A 300 -28.88 -21.13 6.34
N ALA A 301 -28.08 -20.08 6.14
CA ALA A 301 -26.84 -19.97 6.91
C ALA A 301 -27.14 -19.88 8.39
N VAL A 302 -28.18 -19.12 8.75
CA VAL A 302 -28.56 -19.01 10.16
C VAL A 302 -29.07 -20.32 10.72
N ILE A 303 -29.88 -21.04 9.94
CA ILE A 303 -30.37 -22.34 10.41
C ILE A 303 -29.20 -23.28 10.62
N ASP A 304 -28.31 -23.36 9.64
CA ASP A 304 -27.19 -24.29 9.67
C ASP A 304 -26.18 -23.94 10.74
N ALA A 305 -26.15 -22.70 11.21
CA ALA A 305 -25.31 -22.42 12.37
C ALA A 305 -25.95 -22.85 13.70
N ASN A 306 -27.11 -23.51 13.67
CA ASN A 306 -27.77 -24.03 14.87
C ASN A 306 -28.17 -22.92 15.83
N LEU A 307 -28.55 -21.76 15.30
CA LEU A 307 -28.84 -20.61 16.12
C LEU A 307 -30.33 -20.49 16.40
N VAL A 308 -31.15 -21.17 15.60
CA VAL A 308 -32.60 -21.02 15.74
C VAL A 308 -33.04 -21.52 17.11
N PRO A 309 -32.57 -22.67 17.61
CA PRO A 309 -33.00 -23.09 18.96
C PRO A 309 -32.63 -22.09 20.04
N MET A 310 -31.45 -21.49 19.93
CA MET A 310 -31.03 -20.49 20.89
C MET A 310 -31.94 -19.26 20.83
N ILE A 311 -32.30 -18.85 19.61
CA ILE A 311 -33.23 -17.74 19.42
C ILE A 311 -34.59 -18.06 20.03
N ILE A 312 -35.12 -19.26 19.78
CA ILE A 312 -36.44 -19.59 20.30
C ILE A 312 -36.43 -19.66 21.83
N HIS A 313 -35.34 -20.17 22.41
CA HIS A 313 -35.22 -20.12 23.85
C HIS A 313 -35.34 -18.69 24.36
N LEU A 314 -34.66 -17.74 23.68
CA LEU A 314 -34.73 -16.36 24.13
C LEU A 314 -36.12 -15.77 23.88
N LEU A 315 -36.78 -16.22 22.83
CA LEU A 315 -38.16 -15.85 22.55
C LEU A 315 -39.07 -16.22 23.71
N ASP A 316 -38.79 -17.36 24.36
CA ASP A 316 -39.62 -17.86 25.46
C ASP A 316 -39.26 -17.27 26.82
N LYS A 317 -37.98 -17.18 27.16
CA LYS A 317 -37.55 -16.86 28.53
C LYS A 317 -36.71 -15.58 28.65
N GLY A 318 -36.47 -14.85 27.56
CA GLY A 318 -35.68 -13.63 27.62
C GLY A 318 -36.38 -12.39 28.16
N ASP A 319 -35.54 -11.37 28.41
CA ASP A 319 -35.97 -10.01 28.72
C ASP A 319 -36.78 -9.43 27.59
N PHE A 320 -37.67 -8.48 27.92
CA PHE A 320 -38.64 -8.01 26.93
C PHE A 320 -37.96 -7.45 25.68
N GLY A 321 -36.84 -6.75 25.82
CA GLY A 321 -36.15 -6.23 24.64
C GLY A 321 -35.62 -7.34 23.75
N THR A 322 -35.11 -8.40 24.37
CA THR A 322 -34.59 -9.54 23.64
C THR A 322 -35.75 -10.30 23.01
N GLN A 323 -36.84 -10.45 23.75
CA GLN A 323 -38.03 -11.09 23.21
C GLN A 323 -38.51 -10.37 21.96
N LYS A 324 -38.54 -9.02 22.00
CA LYS A 324 -39.01 -8.26 20.84
C LYS A 324 -38.12 -8.47 19.62
N GLU A 325 -36.82 -8.48 19.80
CA GLU A 325 -35.97 -8.69 18.62
C GLU A 325 -36.16 -10.15 18.19
N ALA A 326 -36.22 -11.11 19.08
CA ALA A 326 -36.39 -12.48 18.62
C ALA A 326 -37.70 -12.65 17.86
N ALA A 327 -38.74 -11.94 18.29
CA ALA A 327 -40.00 -11.93 17.55
C ALA A 327 -39.80 -11.42 16.14
N TRP A 328 -39.09 -10.30 15.99
CA TRP A 328 -38.73 -9.88 14.64
C TRP A 328 -37.93 -10.92 13.88
N ALA A 329 -36.96 -11.58 14.52
CA ALA A 329 -36.15 -12.54 13.77
C ALA A 329 -37.01 -13.70 13.26
N ILE A 330 -37.96 -14.14 14.07
CA ILE A 330 -38.86 -15.22 13.64
C ILE A 330 -39.76 -14.71 12.52
N SER A 331 -40.44 -13.58 12.74
CA SER A 331 -41.37 -13.12 11.72
C SER A 331 -40.64 -12.85 10.43
N ASN A 332 -39.45 -12.25 10.48
CA ASN A 332 -38.76 -11.94 9.25
C ASN A 332 -38.40 -13.24 8.56
N LEU A 333 -38.11 -14.29 9.36
CA LEU A 333 -37.83 -15.60 8.79
C LEU A 333 -39.03 -16.10 8.00
N THR A 334 -40.26 -15.80 8.46
CA THR A 334 -41.45 -16.32 7.78
C THR A 334 -41.72 -15.60 6.46
N ILE A 335 -41.38 -14.31 6.42
CA ILE A 335 -41.60 -13.47 5.24
C ILE A 335 -40.74 -13.95 4.08
N SER A 336 -39.43 -14.03 4.31
CA SER A 336 -38.48 -14.48 3.30
C SER A 336 -37.81 -15.79 3.69
N GLY A 337 -38.60 -16.86 3.58
CA GLY A 337 -38.15 -18.20 3.92
C GLY A 337 -38.84 -19.23 3.05
N ARG A 338 -38.16 -20.34 2.80
CA ARG A 338 -38.74 -21.42 2.03
C ARG A 338 -39.71 -22.22 2.91
N LYS A 339 -40.62 -22.95 2.25
CA LYS A 339 -41.56 -23.82 2.98
C LYS A 339 -40.82 -24.74 3.95
N ASP A 340 -39.71 -25.34 3.52
CA ASP A 340 -38.98 -26.29 4.37
C ASP A 340 -38.25 -25.59 5.51
N GLN A 341 -37.86 -24.33 5.35
CA GLN A 341 -37.19 -23.61 6.42
C GLN A 341 -38.20 -23.23 7.49
N VAL A 342 -39.40 -22.83 7.06
CA VAL A 342 -40.48 -22.55 8.00
C VAL A 342 -40.88 -23.85 8.72
N ALA A 343 -40.96 -24.94 7.99
CA ALA A 343 -41.22 -26.23 8.62
C ALA A 343 -40.19 -26.54 9.70
N TYR A 344 -38.91 -26.20 9.46
CA TYR A 344 -37.91 -26.41 10.50
C TYR A 344 -38.27 -25.60 11.75
N LEU A 345 -38.70 -24.34 11.57
CA LEU A 345 -39.15 -23.57 12.73
C LEU A 345 -40.25 -24.31 13.50
N ILE A 346 -41.25 -24.83 12.79
CA ILE A 346 -42.35 -25.51 13.49
C ILE A 346 -41.82 -26.70 14.27
N GLN A 347 -40.92 -27.47 13.65
CA GLN A 347 -40.37 -28.64 14.32
C GLN A 347 -39.62 -28.25 15.60
N GLN A 348 -39.00 -27.07 15.63
CA GLN A 348 -38.32 -26.66 16.86
C GLN A 348 -39.26 -26.03 17.90
N ASN A 349 -40.59 -26.14 17.74
CA ASN A 349 -41.54 -25.80 18.81
C ASN A 349 -41.57 -24.29 19.04
N VAL A 350 -41.45 -23.52 17.95
CA VAL A 350 -41.54 -22.07 17.98
C VAL A 350 -42.93 -21.57 18.38
N ILE A 351 -43.97 -22.35 18.11
CA ILE A 351 -45.34 -21.84 18.09
C ILE A 351 -45.75 -21.39 19.49
N PRO A 352 -45.55 -22.19 20.55
CA PRO A 352 -46.04 -21.77 21.87
C PRO A 352 -45.39 -20.49 22.35
N PRO A 353 -44.05 -20.39 22.32
CA PRO A 353 -43.44 -19.15 22.83
C PRO A 353 -43.72 -17.96 21.95
N PHE A 354 -43.91 -18.19 20.64
CA PHE A 354 -44.28 -17.10 19.74
C PHE A 354 -45.67 -16.57 20.11
N CYS A 355 -46.64 -17.48 20.30
CA CYS A 355 -48.00 -17.05 20.63
C CYS A 355 -48.08 -16.41 22.00
N ASN A 356 -47.15 -16.75 22.91
CA ASN A 356 -47.19 -16.15 24.25
C ASN A 356 -46.95 -14.66 24.23
N LEU A 357 -46.40 -14.11 23.15
CA LEU A 357 -46.17 -12.66 23.05
C LEU A 357 -47.39 -11.89 22.56
N LEU A 358 -48.46 -12.61 22.22
CA LEU A 358 -49.67 -12.00 21.67
C LEU A 358 -50.36 -11.10 22.68
N THR A 359 -50.03 -11.25 23.95
CA THR A 359 -50.72 -10.55 25.03
C THR A 359 -49.94 -9.37 25.55
N VAL A 360 -48.78 -9.02 24.97
CA VAL A 360 -47.99 -7.94 25.57
C VAL A 360 -48.64 -6.60 25.26
N LYS A 361 -48.24 -5.58 26.03
CA LYS A 361 -48.76 -4.23 25.88
C LYS A 361 -48.13 -3.45 24.72
N ASP A 362 -47.00 -3.92 24.17
CA ASP A 362 -46.36 -3.31 23.00
C ASP A 362 -47.02 -3.74 21.69
N ALA A 363 -47.83 -2.85 21.14
CA ALA A 363 -48.59 -3.17 19.94
C ALA A 363 -47.69 -3.47 18.75
N GLN A 364 -46.49 -2.88 18.67
CA GLN A 364 -45.63 -3.18 17.53
C GLN A 364 -45.23 -4.65 17.53
N VAL A 365 -44.87 -5.18 18.70
CA VAL A 365 -44.53 -6.59 18.79
C VAL A 365 -45.75 -7.43 18.46
N VAL A 366 -46.93 -7.03 18.98
CA VAL A 366 -48.14 -7.79 18.70
C VAL A 366 -48.39 -7.87 17.19
N GLN A 367 -48.26 -6.73 16.50
CA GLN A 367 -48.47 -6.73 15.05
C GLN A 367 -47.48 -7.67 14.37
N VAL A 368 -46.21 -7.63 14.79
CA VAL A 368 -45.20 -8.50 14.19
C VAL A 368 -45.60 -9.96 14.36
N VAL A 369 -46.04 -10.33 15.57
CA VAL A 369 -46.40 -11.72 15.85
C VAL A 369 -47.60 -12.16 15.04
N LEU A 370 -48.65 -11.34 14.99
CA LEU A 370 -49.82 -11.69 14.21
C LEU A 370 -49.49 -11.82 12.72
N ASP A 371 -48.64 -10.92 12.20
CA ASP A 371 -48.18 -11.04 10.83
C ASP A 371 -47.47 -12.37 10.59
N GLY A 372 -46.59 -12.75 11.51
CA GLY A 372 -45.85 -13.99 11.35
C GLY A 372 -46.73 -15.21 11.44
N LEU A 373 -47.68 -15.23 12.38
CA LEU A 373 -48.63 -16.34 12.47
C LEU A 373 -49.48 -16.45 11.20
N SER A 374 -49.95 -15.31 10.69
CA SER A 374 -50.74 -15.31 9.46
C SER A 374 -49.91 -15.88 8.31
N ASN A 375 -48.67 -15.41 8.17
CA ASN A 375 -47.81 -15.88 7.08
C ASN A 375 -47.52 -17.36 7.22
N ILE A 376 -47.28 -17.83 8.45
CA ILE A 376 -47.04 -19.26 8.68
C ILE A 376 -48.23 -20.07 8.20
N LEU A 377 -49.44 -19.67 8.61
CA LEU A 377 -50.61 -20.43 8.20
C LEU A 377 -50.82 -20.37 6.69
N LYS A 378 -50.62 -19.19 6.10
CA LYS A 378 -50.79 -19.00 4.66
C LYS A 378 -49.78 -19.77 3.81
N MET A 379 -48.56 -19.97 4.30
CA MET A 379 -47.57 -20.62 3.44
C MET A 379 -47.75 -22.14 3.38
N ALA A 380 -48.33 -22.75 4.41
CA ALA A 380 -48.52 -24.20 4.45
C ALA A 380 -49.88 -24.50 3.82
N GLU A 381 -49.92 -24.41 2.49
CA GLU A 381 -51.15 -24.51 1.71
C GLU A 381 -52.03 -25.67 2.18
N ASP A 382 -51.50 -26.90 2.14
CA ASP A 382 -52.28 -28.07 2.53
C ASP A 382 -52.17 -28.43 4.01
N GLU A 383 -51.01 -28.21 4.65
CA GLU A 383 -50.78 -28.52 6.06
C GLU A 383 -51.41 -27.47 7.02
N ALA A 384 -52.17 -26.53 6.46
CA ALA A 384 -52.78 -25.46 7.23
C ALA A 384 -53.67 -25.95 8.37
N GLU A 385 -54.30 -27.12 8.23
CA GLU A 385 -55.17 -27.60 9.30
C GLU A 385 -54.36 -28.08 10.50
N THR A 386 -53.26 -28.82 10.25
CA THR A 386 -52.35 -29.22 11.31
C THR A 386 -51.78 -28.00 12.04
N ILE A 387 -51.35 -26.98 11.29
CA ILE A 387 -50.77 -25.82 11.97
C ILE A 387 -51.83 -25.08 12.78
N GLY A 388 -53.05 -24.98 12.24
CA GLY A 388 -54.12 -24.34 13.00
C GLY A 388 -54.41 -25.08 14.29
N ASN A 389 -54.33 -26.42 14.25
CA ASN A 389 -54.56 -27.20 15.47
C ASN A 389 -53.48 -26.95 16.52
N LEU A 390 -52.22 -26.85 16.11
CA LEU A 390 -51.17 -26.51 17.09
C LEU A 390 -51.38 -25.13 17.72
N ILE A 391 -51.75 -24.14 16.90
CA ILE A 391 -52.07 -22.81 17.42
C ILE A 391 -53.21 -22.89 18.43
N GLU A 392 -54.24 -23.69 18.11
CA GLU A 392 -55.35 -23.84 19.06
C GLU A 392 -54.85 -24.48 20.35
N GLU A 393 -54.01 -25.52 20.23
CA GLU A 393 -53.61 -26.30 21.39
C GLU A 393 -52.95 -25.44 22.44
N CYS A 394 -52.16 -24.44 22.01
CA CYS A 394 -51.44 -23.62 23.00
C CYS A 394 -52.21 -22.36 23.44
N GLY A 395 -53.49 -22.20 23.08
CA GLY A 395 -54.25 -21.01 23.45
C GLY A 395 -54.16 -19.83 22.51
N GLY A 396 -53.48 -19.98 21.38
CA GLY A 396 -53.30 -18.88 20.46
C GLY A 396 -54.61 -18.36 19.91
N LEU A 397 -55.58 -19.26 19.68
CA LEU A 397 -56.88 -18.83 19.18
C LEU A 397 -57.56 -17.92 20.19
N GLU A 398 -57.56 -18.30 21.47
CA GLU A 398 -58.15 -17.44 22.49
C GLU A 398 -57.44 -16.09 22.53
N LYS A 399 -56.12 -16.09 22.33
CA LYS A 399 -55.38 -14.82 22.33
C LYS A 399 -55.78 -13.93 21.15
N ILE A 400 -55.96 -14.53 19.97
CA ILE A 400 -56.44 -13.78 18.80
C ILE A 400 -57.83 -13.21 19.04
N GLU A 401 -58.73 -14.02 19.60
CA GLU A 401 -60.06 -13.53 19.91
C GLU A 401 -59.98 -12.32 20.82
N GLN A 402 -59.12 -12.36 21.84
CA GLN A 402 -59.01 -11.21 22.72
C GLN A 402 -58.40 -10.01 22.00
N LEU A 403 -57.46 -10.23 21.07
CA LEU A 403 -56.87 -9.14 20.31
C LEU A 403 -57.86 -8.45 19.39
N GLN A 404 -59.00 -9.08 19.10
CA GLN A 404 -60.08 -8.37 18.39
C GLN A 404 -60.59 -7.10 19.09
N ASN A 405 -60.37 -6.95 20.40
CA ASN A 405 -60.79 -5.78 21.14
C ASN A 405 -59.68 -4.76 21.40
N HIS A 406 -58.54 -4.89 20.74
CA HIS A 406 -57.45 -3.95 20.95
C HIS A 406 -57.78 -2.56 20.40
N GLU A 407 -57.21 -1.55 21.07
CA GLU A 407 -57.32 -0.16 20.65
C GLU A 407 -56.89 0.05 19.20
N ASN A 408 -55.88 -0.68 18.75
CA ASN A 408 -55.15 -0.36 17.53
C ASN A 408 -55.80 -1.02 16.33
N GLU A 409 -56.14 -0.18 15.34
CA GLU A 409 -56.93 -0.64 14.20
C GLU A 409 -56.17 -1.65 13.35
N ASP A 410 -54.86 -1.46 13.16
CA ASP A 410 -54.09 -2.42 12.37
C ASP A 410 -54.06 -3.78 13.07
N ILE A 411 -54.10 -3.79 14.40
CA ILE A 411 -54.13 -5.02 15.16
C ILE A 411 -55.50 -5.67 15.03
N TYR A 412 -56.58 -4.94 15.33
CA TYR A 412 -57.87 -5.61 15.36
C TYR A 412 -58.25 -6.05 13.95
N LYS A 413 -57.88 -5.26 12.94
CA LYS A 413 -58.10 -5.66 11.56
C LYS A 413 -57.37 -6.97 11.27
N LEU A 414 -56.10 -7.06 11.67
CA LEU A 414 -55.36 -8.28 11.35
C LEU A 414 -55.89 -9.47 12.13
N ALA A 415 -56.40 -9.26 13.35
CA ALA A 415 -56.96 -10.38 14.10
C ALA A 415 -58.23 -10.91 13.44
N TYR A 416 -59.10 -9.99 12.99
CA TYR A 416 -60.29 -10.40 12.27
C TYR A 416 -59.92 -11.15 11.00
N GLU A 417 -58.99 -10.60 10.22
CA GLU A 417 -58.62 -11.23 8.96
C GLU A 417 -58.05 -12.63 9.20
N ILE A 418 -57.20 -12.77 10.22
CA ILE A 418 -56.61 -14.08 10.50
C ILE A 418 -57.67 -15.09 10.90
N ILE A 419 -58.62 -14.69 11.75
CA ILE A 419 -59.64 -15.64 12.19
C ILE A 419 -60.56 -16.03 11.04
N ASP A 420 -60.89 -15.06 10.18
CA ASP A 420 -61.75 -15.36 9.03
C ASP A 420 -61.05 -16.24 8.00
N GLN A 421 -59.77 -16.02 7.74
CA GLN A 421 -59.07 -16.74 6.67
C GLN A 421 -58.63 -18.12 7.12
N ARG B 6 -40.02 -7.50 2.26
CA ARG B 6 -39.08 -7.84 3.32
C ARG B 6 -38.17 -6.64 3.62
N ARG B 7 -37.80 -6.41 4.88
CA ARG B 7 -36.92 -5.29 5.20
C ARG B 7 -36.12 -5.50 6.49
N LYS B 8 -35.07 -4.70 6.60
CA LYS B 8 -34.18 -4.63 7.74
C LYS B 8 -34.64 -3.52 8.69
N ARG B 9 -34.09 -3.51 9.89
CA ARG B 9 -34.42 -2.50 10.90
C ARG B 9 -33.15 -1.90 11.46
N LYS B 10 -33.26 -0.72 12.04
CA LYS B 10 -32.23 -0.04 12.82
C LYS B 10 -32.72 -0.05 14.26
N ARG B 11 -31.78 -0.09 15.21
CA ARG B 11 -32.09 -0.33 16.65
C ARG B 11 -32.95 0.80 17.25
N GLU B 12 -33.83 0.43 18.18
CA GLU B 12 -34.83 1.28 18.84
C GLU B 12 -34.47 1.45 20.32
N TRP B 13 -33.22 1.24 20.69
CA TRP B 13 -32.82 1.34 22.11
C TRP B 13 -31.71 2.40 22.29
N ASP B 14 -31.40 2.73 23.55
CA ASP B 14 -30.54 3.84 24.06
C ASP B 14 -29.06 3.89 23.65
N ASP B 15 -28.32 2.78 23.69
CA ASP B 15 -26.86 2.78 23.43
C ASP B 15 -26.21 3.90 24.27
N ASP B 16 -26.34 3.75 25.58
CA ASP B 16 -25.84 4.58 26.65
C ASP B 16 -24.38 4.32 26.99
N ASP B 17 -23.70 3.44 26.25
CA ASP B 17 -22.30 3.12 26.49
C ASP B 17 -21.33 3.89 25.59
N ASP B 18 -21.82 4.88 24.83
CA ASP B 18 -20.98 5.64 23.91
C ASP B 18 -19.79 6.30 24.62
N PRO B 19 -18.68 6.49 23.93
CA PRO B 19 -17.52 7.17 24.54
C PRO B 19 -17.80 8.65 24.73
N PRO B 20 -17.08 9.32 25.63
CA PRO B 20 -17.37 10.73 25.92
C PRO B 20 -17.03 11.67 24.76
N LYS B 21 -17.93 12.61 24.50
CA LYS B 21 -17.68 13.61 23.46
C LYS B 21 -16.64 14.62 23.92
N LYS B 22 -16.77 15.08 25.14
CA LYS B 22 -15.86 16.06 25.72
C LYS B 22 -15.18 15.45 26.93
N ARG B 23 -13.89 15.73 27.10
CA ARG B 23 -13.12 15.22 28.22
C ARG B 23 -12.35 16.36 28.85
N ARG B 24 -12.47 16.55 30.18
CA ARG B 24 -11.82 17.62 30.96
C ARG B 24 -10.60 16.99 31.63
N ARG B 25 -9.39 17.46 31.33
CA ARG B 25 -8.14 16.92 31.84
C ARG B 25 -7.88 17.35 33.28
N LEU B 26 -7.47 16.40 34.12
CA LEU B 26 -7.20 16.63 35.54
C LEU B 26 -5.73 16.45 35.90
N SER C 10 -8.07 -11.48 13.07
CA SER C 10 -6.69 -11.82 13.42
C SER C 10 -6.17 -12.92 12.46
N LEU C 11 -4.84 -13.09 12.48
CA LEU C 11 -4.18 -14.03 11.59
C LEU C 11 -4.63 -15.46 11.86
N GLU C 12 -4.78 -15.83 13.14
CA GLU C 12 -5.29 -17.15 13.46
C GLU C 12 -6.59 -17.43 12.72
N ALA C 13 -7.55 -16.52 12.81
CA ALA C 13 -8.83 -16.73 12.12
C ALA C 13 -8.65 -16.96 10.63
N ILE C 14 -7.86 -16.11 9.98
CA ILE C 14 -7.68 -16.20 8.54
C ILE C 14 -7.05 -17.53 8.12
N VAL C 15 -5.99 -17.94 8.80
CA VAL C 15 -5.37 -19.22 8.46
C VAL C 15 -6.34 -20.38 8.68
N GLN C 16 -7.05 -20.39 9.80
CA GLN C 16 -8.03 -21.44 10.08
C GLN C 16 -9.13 -21.43 9.04
N ASN C 17 -9.65 -20.23 8.76
CA ASN C 17 -10.72 -20.01 7.80
C ASN C 17 -10.34 -20.32 6.36
N ALA C 18 -9.09 -20.05 5.96
CA ALA C 18 -8.82 -20.28 4.54
C ALA C 18 -8.97 -21.75 4.14
N SER C 19 -8.69 -22.69 5.05
CA SER C 19 -8.90 -24.14 4.81
C SER C 19 -10.33 -24.50 5.26
N SER C 20 -11.34 -23.99 4.58
CA SER C 20 -12.72 -24.31 4.93
C SER C 20 -13.48 -25.05 3.86
N ASP C 21 -14.51 -25.77 4.31
CA ASP C 21 -15.40 -26.41 3.35
C ASP C 21 -16.37 -25.41 2.73
N ASN C 22 -16.58 -24.26 3.35
CA ASN C 22 -17.55 -23.29 2.86
C ASN C 22 -16.92 -22.36 1.84
N GLN C 23 -17.46 -22.33 0.60
CA GLN C 23 -16.69 -21.68 -0.46
C GLN C 23 -16.60 -20.17 -0.23
N GLY C 24 -17.54 -19.59 0.50
CA GLY C 24 -17.47 -18.17 0.75
C GLY C 24 -16.54 -17.70 1.85
N ILE C 25 -16.45 -18.45 2.95
CA ILE C 25 -15.44 -18.18 3.96
C ILE C 25 -14.02 -18.39 3.45
N GLN C 26 -13.79 -19.49 2.73
CA GLN C 26 -12.48 -19.71 2.14
C GLN C 26 -12.01 -18.56 1.25
N LEU C 27 -12.82 -18.15 0.26
CA LEU C 27 -12.38 -17.06 -0.63
C LEU C 27 -12.14 -15.77 0.13
N SER C 28 -13.08 -15.41 1.01
CA SER C 28 -12.94 -14.24 1.87
C SER C 28 -11.62 -14.28 2.64
N ALA C 29 -11.26 -15.44 3.16
CA ALA C 29 -10.07 -15.54 4.01
C ALA C 29 -8.80 -15.34 3.20
N VAL C 30 -8.70 -15.94 2.02
CA VAL C 30 -7.50 -15.75 1.22
C VAL C 30 -7.42 -14.32 0.69
N GLN C 31 -8.58 -13.72 0.34
CA GLN C 31 -8.60 -12.31 -0.08
C GLN C 31 -8.12 -11.39 1.04
N ALA C 32 -8.52 -11.69 2.28
CA ALA C 32 -8.03 -10.92 3.41
C ALA C 32 -6.51 -11.03 3.51
N ALA C 33 -5.96 -12.23 3.29
CA ALA C 33 -4.51 -12.39 3.33
C ALA C 33 -3.83 -11.65 2.19
N ARG C 34 -4.40 -11.75 0.97
CA ARG C 34 -3.84 -11.03 -0.16
C ARG C 34 -3.83 -9.54 0.12
N LYS C 35 -4.95 -9.03 0.65
CA LYS C 35 -5.13 -7.60 0.88
C LYS C 35 -4.16 -7.13 1.95
N LEU C 36 -3.87 -7.95 2.93
CA LEU C 36 -2.83 -7.60 3.87
C LEU C 36 -1.52 -7.41 3.13
N LEU C 37 -1.29 -8.18 2.06
CA LEU C 37 -0.03 -8.17 1.35
C LEU C 37 0.06 -7.20 0.17
N SER C 38 -1.04 -6.58 -0.25
CA SER C 38 -1.05 -5.73 -1.43
C SER C 38 -1.61 -4.32 -1.13
N SER C 39 -1.03 -3.56 -0.19
CA SER C 39 -1.69 -2.30 0.15
C SER C 39 -0.82 -1.14 0.62
N ASP C 40 -0.39 -1.20 1.87
CA ASP C 40 0.48 -0.19 2.46
C ASP C 40 1.84 -0.20 1.78
N ARG C 41 2.73 0.67 2.24
CA ARG C 41 4.04 0.61 1.62
C ARG C 41 4.95 -0.32 2.43
N ASN C 42 4.39 -1.06 3.40
CA ASN C 42 5.06 -2.16 4.12
C ASN C 42 4.06 -3.29 4.30
N PRO C 43 4.36 -4.54 3.89
CA PRO C 43 3.38 -5.66 4.10
C PRO C 43 3.84 -6.58 5.20
N PRO C 44 2.90 -7.30 5.94
CA PRO C 44 3.32 -8.21 7.04
C PRO C 44 3.77 -9.58 6.58
N ILE C 45 4.84 -9.63 5.78
CA ILE C 45 5.27 -10.90 5.16
C ILE C 45 5.69 -11.93 6.20
N ASP C 46 6.59 -11.57 7.12
CA ASP C 46 7.09 -12.56 8.06
C ASP C 46 5.97 -13.16 8.92
N ASP C 47 5.03 -12.33 9.39
CA ASP C 47 3.93 -12.85 10.19
C ASP C 47 3.07 -13.84 9.40
N LEU C 48 2.82 -13.57 8.12
CA LEU C 48 2.03 -14.52 7.34
C LEU C 48 2.81 -15.80 7.08
N ILE C 49 4.13 -15.72 6.91
CA ILE C 49 4.91 -16.93 6.76
C ILE C 49 4.90 -17.72 8.05
N LYS C 50 5.15 -17.04 9.20
CA LYS C 50 5.20 -17.72 10.49
C LYS C 50 3.83 -18.23 10.91
N SER C 51 2.76 -17.61 10.40
CA SER C 51 1.41 -18.04 10.71
C SER C 51 1.07 -19.40 10.11
N GLY C 52 1.84 -19.87 9.13
CA GLY C 52 1.56 -21.14 8.48
C GLY C 52 0.68 -21.07 7.25
N ILE C 53 0.45 -19.88 6.71
CA ILE C 53 -0.49 -19.78 5.61
C ILE C 53 0.10 -20.37 4.31
N LEU C 54 1.43 -20.52 4.18
CA LEU C 54 1.96 -20.89 2.87
C LEU C 54 1.35 -22.19 2.38
N PRO C 55 1.32 -23.29 3.15
CA PRO C 55 0.76 -24.51 2.58
C PRO C 55 -0.69 -24.39 2.19
N ILE C 56 -1.48 -23.57 2.87
CA ILE C 56 -2.87 -23.37 2.44
C ILE C 56 -2.92 -22.70 1.07
N LEU C 57 -2.12 -21.64 0.87
CA LEU C 57 -2.10 -20.96 -0.43
C LEU C 57 -1.59 -21.86 -1.55
N VAL C 58 -0.55 -22.65 -1.29
CA VAL C 58 -0.03 -23.52 -2.33
C VAL C 58 -1.07 -24.56 -2.71
N HIS C 59 -1.80 -25.08 -1.72
CA HIS C 59 -2.89 -26.00 -1.99
C HIS C 59 -3.94 -25.37 -2.90
N CYS C 60 -4.23 -24.08 -2.67
CA CYS C 60 -5.21 -23.36 -3.47
C CYS C 60 -4.87 -23.34 -4.96
N LEU C 61 -3.59 -23.31 -5.32
CA LEU C 61 -3.24 -23.29 -6.74
C LEU C 61 -3.76 -24.51 -7.52
N GLU C 62 -4.06 -25.63 -6.83
CA GLU C 62 -4.58 -26.82 -7.49
C GLU C 62 -6.06 -26.71 -7.83
N ARG C 63 -6.77 -25.68 -7.32
CA ARG C 63 -8.24 -25.61 -7.38
C ARG C 63 -8.75 -25.03 -8.69
N ASP C 64 -8.73 -25.86 -9.74
CA ASP C 64 -9.22 -25.44 -11.04
C ASP C 64 -10.72 -25.16 -11.00
N ASP C 65 -11.44 -25.66 -9.99
CA ASP C 65 -12.87 -25.41 -9.86
C ASP C 65 -13.22 -24.06 -9.27
N ASN C 66 -12.26 -23.30 -8.73
CA ASN C 66 -12.49 -21.93 -8.26
C ASN C 66 -11.36 -21.03 -8.76
N PRO C 67 -11.45 -20.53 -10.01
CA PRO C 67 -10.36 -19.66 -10.49
C PRO C 67 -10.19 -18.40 -9.66
N SER C 68 -11.27 -17.92 -9.04
CA SER C 68 -11.16 -16.77 -8.16
C SER C 68 -10.28 -17.08 -6.95
N LEU C 69 -10.42 -18.30 -6.42
CA LEU C 69 -9.58 -18.69 -5.30
C LEU C 69 -8.12 -18.82 -5.74
N GLN C 70 -7.90 -19.40 -6.94
CA GLN C 70 -6.54 -19.53 -7.45
C GLN C 70 -5.87 -18.20 -7.71
N PHE C 71 -6.61 -17.25 -8.30
CA PHE C 71 -6.05 -15.93 -8.58
C PHE C 71 -5.63 -15.26 -7.28
N GLU C 72 -6.50 -15.29 -6.27
CA GLU C 72 -6.19 -14.62 -5.01
C GLU C 72 -4.99 -15.26 -4.34
N ALA C 73 -4.93 -16.60 -4.35
CA ALA C 73 -3.81 -17.30 -3.72
C ALA C 73 -2.51 -17.03 -4.49
N ALA C 74 -2.59 -17.03 -5.83
CA ALA C 74 -1.41 -16.76 -6.65
C ALA C 74 -0.90 -15.36 -6.38
N TRP C 75 -1.83 -14.41 -6.16
CA TRP C 75 -1.46 -13.03 -5.89
C TRP C 75 -0.85 -12.90 -4.51
N ALA C 76 -1.42 -13.56 -3.51
CA ALA C 76 -0.80 -13.58 -2.19
C ALA C 76 0.62 -14.11 -2.29
N LEU C 77 0.78 -15.27 -2.93
CA LEU C 77 2.10 -15.88 -3.07
C LEU C 77 3.04 -15.02 -3.90
N THR C 78 2.51 -14.33 -4.92
CA THR C 78 3.32 -13.38 -5.66
C THR C 78 4.00 -12.38 -4.74
N ASN C 79 3.20 -11.77 -3.84
CA ASN C 79 3.67 -10.69 -2.99
C ASN C 79 4.58 -11.20 -1.87
N ILE C 80 4.35 -12.41 -1.37
CA ILE C 80 5.31 -12.99 -0.43
C ILE C 80 6.64 -13.16 -1.13
N ALA C 81 6.62 -13.60 -2.39
CA ALA C 81 7.86 -13.87 -3.11
C ALA C 81 8.58 -12.59 -3.52
N SER C 82 7.95 -11.43 -3.34
CA SER C 82 8.53 -10.13 -3.68
C SER C 82 9.48 -9.59 -2.61
N GLY C 83 9.61 -10.25 -1.47
CA GLY C 83 10.42 -9.76 -0.37
C GLY C 83 11.86 -10.19 -0.50
N THR C 84 12.49 -10.41 0.66
CA THR C 84 13.89 -10.81 0.73
C THR C 84 14.08 -12.23 0.19
N SER C 85 15.36 -12.62 0.02
CA SER C 85 15.65 -13.96 -0.47
C SER C 85 15.07 -15.04 0.46
N GLU C 86 15.10 -14.83 1.78
CA GLU C 86 14.54 -15.83 2.70
C GLU C 86 13.04 -15.97 2.49
N GLN C 87 12.35 -14.86 2.26
CA GLN C 87 10.91 -14.89 1.99
C GLN C 87 10.61 -15.56 0.66
N THR C 88 11.37 -15.24 -0.40
CA THR C 88 11.19 -15.88 -1.70
C THR C 88 11.44 -17.39 -1.59
N GLN C 89 12.46 -17.81 -0.82
CA GLN C 89 12.76 -19.22 -0.74
C GLN C 89 11.67 -19.96 0.00
N ALA C 90 11.00 -19.28 0.93
CA ALA C 90 9.87 -19.90 1.61
C ALA C 90 8.76 -20.24 0.63
N VAL C 91 8.50 -19.37 -0.33
CA VAL C 91 7.53 -19.69 -1.37
C VAL C 91 8.02 -20.88 -2.20
N VAL C 92 9.30 -20.85 -2.58
CA VAL C 92 9.89 -21.93 -3.37
C VAL C 92 9.91 -23.24 -2.61
N GLN C 93 10.26 -23.20 -1.32
CA GLN C 93 10.33 -24.42 -0.52
C GLN C 93 8.98 -25.05 -0.27
N SER C 94 7.89 -24.30 -0.37
CA SER C 94 6.55 -24.83 -0.26
C SER C 94 6.04 -25.47 -1.52
N ASN C 95 6.91 -25.71 -2.50
CA ASN C 95 6.56 -26.30 -3.80
C ASN C 95 5.62 -25.46 -4.67
N ALA C 96 5.70 -24.14 -4.56
CA ALA C 96 4.85 -23.29 -5.41
C ALA C 96 5.22 -23.36 -6.89
N VAL C 97 6.52 -23.51 -7.22
CA VAL C 97 6.96 -23.30 -8.61
C VAL C 97 6.25 -24.25 -9.58
N PRO C 98 6.22 -25.56 -9.34
CA PRO C 98 5.56 -26.45 -10.29
C PRO C 98 4.10 -26.14 -10.48
N LEU C 99 3.45 -25.64 -9.44
CA LEU C 99 2.04 -25.28 -9.51
C LEU C 99 1.81 -24.00 -10.31
N PHE C 100 2.73 -23.04 -10.22
CA PHE C 100 2.61 -21.86 -11.07
C PHE C 100 2.78 -22.22 -12.54
N LEU C 101 3.72 -23.14 -12.83
CA LEU C 101 3.94 -23.59 -14.21
C LEU C 101 2.69 -24.24 -14.77
N ARG C 102 2.00 -25.04 -13.96
CA ARG C 102 0.67 -25.51 -14.29
C ARG C 102 -0.30 -24.40 -14.65
N LEU C 103 -0.36 -23.33 -13.85
CA LEU C 103 -1.35 -22.32 -14.11
C LEU C 103 -1.11 -21.49 -15.36
N LEU C 104 0.07 -21.58 -15.99
CA LEU C 104 0.29 -20.98 -17.30
C LEU C 104 -0.64 -21.54 -18.36
N HIS C 105 -1.24 -22.70 -18.13
CA HIS C 105 -2.13 -23.29 -19.13
C HIS C 105 -3.60 -23.12 -18.75
N SER C 106 -3.87 -22.26 -17.78
CA SER C 106 -5.21 -21.96 -17.36
C SER C 106 -6.02 -21.25 -18.44
N PRO C 107 -7.30 -21.60 -18.62
CA PRO C 107 -8.13 -20.83 -19.56
C PRO C 107 -8.46 -19.42 -19.08
N HIS C 108 -8.20 -19.08 -17.82
CA HIS C 108 -8.54 -17.77 -17.24
C HIS C 108 -7.32 -16.86 -17.30
N GLN C 109 -7.43 -15.78 -18.08
CA GLN C 109 -6.31 -14.89 -18.34
C GLN C 109 -5.66 -14.32 -17.09
N ASN C 110 -6.45 -13.83 -16.15
CA ASN C 110 -5.85 -13.17 -14.98
C ASN C 110 -5.08 -14.19 -14.14
N VAL C 111 -5.56 -15.43 -14.09
CA VAL C 111 -4.85 -16.46 -13.36
C VAL C 111 -3.50 -16.70 -14.02
N CYS C 112 -3.51 -16.80 -15.35
CA CYS C 112 -2.28 -17.00 -16.12
C CYS C 112 -1.30 -15.86 -15.90
N GLU C 113 -1.79 -14.62 -15.95
CA GLU C 113 -0.93 -13.46 -15.74
C GLU C 113 -0.36 -13.45 -14.32
N GLN C 114 -1.16 -13.79 -13.32
CA GLN C 114 -0.61 -13.80 -11.98
C GLN C 114 0.40 -14.92 -11.79
N ALA C 115 0.23 -16.03 -12.49
CA ALA C 115 1.22 -17.09 -12.41
C ALA C 115 2.54 -16.63 -13.02
N VAL C 116 2.46 -15.94 -14.16
CA VAL C 116 3.64 -15.36 -14.79
C VAL C 116 4.33 -14.40 -13.82
N TRP C 117 3.54 -13.55 -13.18
CA TRP C 117 4.08 -12.53 -12.30
C TRP C 117 4.79 -13.15 -11.11
N ALA C 118 4.15 -14.14 -10.47
CA ALA C 118 4.76 -14.82 -9.33
C ALA C 118 6.06 -15.48 -9.76
N LEU C 119 6.03 -16.14 -10.92
CA LEU C 119 7.24 -16.77 -11.44
C LEU C 119 8.31 -15.71 -11.73
N GLY C 120 7.89 -14.52 -12.17
CA GLY C 120 8.85 -13.45 -12.38
C GLY C 120 9.60 -13.07 -11.11
N ASN C 121 8.88 -12.91 -10.00
CA ASN C 121 9.53 -12.60 -8.73
C ASN C 121 10.46 -13.73 -8.30
N ILE C 122 10.03 -14.98 -8.49
CA ILE C 122 10.88 -16.12 -8.12
C ILE C 122 12.13 -16.13 -8.99
N ILE C 123 11.95 -16.00 -10.31
CA ILE C 123 13.10 -16.04 -11.22
C ILE C 123 14.08 -14.93 -10.88
N GLY C 124 13.57 -13.78 -10.45
CA GLY C 124 14.40 -12.63 -10.17
C GLY C 124 15.25 -12.75 -8.91
N ASP C 125 15.00 -13.76 -8.08
CA ASP C 125 15.74 -13.85 -6.83
C ASP C 125 17.22 -14.13 -7.05
N GLY C 126 17.57 -14.86 -8.10
CA GLY C 126 18.96 -15.18 -8.31
C GLY C 126 19.16 -16.29 -9.32
N PRO C 127 20.43 -16.62 -9.58
CA PRO C 127 20.71 -17.53 -10.69
C PRO C 127 20.27 -18.95 -10.45
N GLN C 128 20.44 -19.47 -9.25
CA GLN C 128 20.03 -20.85 -8.98
C GLN C 128 18.51 -20.99 -9.05
N CYS C 129 17.77 -20.01 -8.55
CA CYS C 129 16.32 -20.07 -8.64
C CYS C 129 15.86 -19.98 -10.09
N ARG C 130 16.40 -19.00 -10.83
CA ARG C 130 16.17 -18.91 -12.27
C ARG C 130 16.42 -20.23 -12.98
N ASP C 131 17.54 -20.88 -12.67
CA ASP C 131 17.89 -22.08 -13.42
C ASP C 131 16.97 -23.23 -13.02
N TYR C 132 16.49 -23.24 -11.77
CA TYR C 132 15.45 -24.18 -11.40
C TYR C 132 14.17 -23.97 -12.20
N VAL C 133 13.68 -22.73 -12.26
CA VAL C 133 12.46 -22.45 -13.00
C VAL C 133 12.66 -22.76 -14.49
N ILE C 134 13.80 -22.36 -15.05
CA ILE C 134 14.12 -22.70 -16.43
C ILE C 134 14.07 -24.20 -16.68
N SER C 135 14.70 -24.99 -15.81
CA SER C 135 14.78 -26.44 -16.01
C SER C 135 13.41 -27.11 -16.02
N LEU C 136 12.41 -26.49 -15.41
CA LEU C 136 11.07 -27.03 -15.40
C LEU C 136 10.25 -26.60 -16.60
N GLY C 137 10.81 -25.80 -17.49
CA GLY C 137 10.20 -25.51 -18.76
C GLY C 137 9.46 -24.20 -18.85
N VAL C 138 9.83 -23.20 -18.04
CA VAL C 138 9.08 -21.96 -18.07
C VAL C 138 9.15 -21.24 -19.43
N VAL C 139 10.25 -21.35 -20.16
CA VAL C 139 10.47 -20.38 -21.23
C VAL C 139 9.47 -20.57 -22.38
N LYS C 140 9.30 -21.80 -22.87
CA LYS C 140 8.35 -21.96 -23.98
C LYS C 140 6.93 -21.52 -23.65
N PRO C 141 6.29 -21.97 -22.57
CA PRO C 141 4.92 -21.47 -22.32
C PRO C 141 4.89 -19.97 -22.13
N LEU C 142 5.93 -19.41 -21.52
CA LEU C 142 6.00 -17.95 -21.38
C LEU C 142 6.03 -17.25 -22.73
N LEU C 143 6.92 -17.69 -23.64
CA LEU C 143 7.04 -16.99 -24.92
C LEU C 143 5.85 -17.28 -25.82
N SER C 144 5.12 -18.36 -25.58
CA SER C 144 3.93 -18.66 -26.36
C SER C 144 2.86 -17.57 -26.18
N PHE C 145 2.91 -16.83 -25.08
CA PHE C 145 1.96 -15.75 -24.90
C PHE C 145 2.16 -14.60 -25.88
N ILE C 146 3.36 -14.43 -26.42
CA ILE C 146 3.66 -13.26 -27.25
C ILE C 146 2.92 -13.39 -28.57
N SER C 147 1.86 -12.62 -28.74
CA SER C 147 1.02 -12.74 -29.92
C SER C 147 0.34 -11.40 -30.14
N PRO C 148 -0.22 -11.17 -31.32
CA PRO C 148 -0.92 -9.88 -31.53
C PRO C 148 -2.08 -9.63 -30.59
N SER C 149 -2.83 -10.64 -30.16
CA SER C 149 -4.04 -10.38 -29.38
C SER C 149 -3.78 -10.29 -27.88
N ILE C 150 -2.58 -10.61 -27.40
CA ILE C 150 -2.42 -10.59 -25.94
C ILE C 150 -2.59 -9.15 -25.45
N PRO C 151 -3.34 -8.90 -24.38
CA PRO C 151 -3.45 -7.53 -23.84
C PRO C 151 -2.12 -6.97 -23.36
N ILE C 152 -2.00 -5.65 -23.51
CA ILE C 152 -0.73 -4.98 -23.32
C ILE C 152 -0.26 -5.03 -21.87
N THR C 153 -1.17 -4.93 -20.89
CA THR C 153 -0.73 -5.02 -19.49
C THR C 153 -0.05 -6.36 -19.24
N PHE C 154 -0.64 -7.42 -19.78
CA PHE C 154 -0.10 -8.78 -19.72
C PHE C 154 1.19 -8.91 -20.49
N LEU C 155 1.25 -8.37 -21.70
CA LEU C 155 2.46 -8.50 -22.48
C LEU C 155 3.63 -7.87 -21.73
N ARG C 156 3.38 -6.74 -21.08
CA ARG C 156 4.41 -6.07 -20.30
C ARG C 156 4.95 -6.95 -19.19
N ASN C 157 4.07 -7.72 -18.54
CA ASN C 157 4.51 -8.60 -17.45
C ASN C 157 5.33 -9.76 -17.99
N VAL C 158 4.96 -10.29 -19.17
CA VAL C 158 5.77 -11.30 -19.83
C VAL C 158 7.19 -10.82 -20.10
N THR C 159 7.33 -9.59 -20.64
CA THR C 159 8.65 -9.06 -21.00
C THR C 159 9.53 -8.80 -19.78
N TRP C 160 8.92 -8.38 -18.67
CA TRP C 160 9.70 -8.22 -17.44
C TRP C 160 10.27 -9.55 -16.99
N VAL C 161 9.47 -10.62 -17.05
CA VAL C 161 10.00 -11.94 -16.72
C VAL C 161 11.17 -12.29 -17.64
N MET C 162 11.07 -11.94 -18.93
CA MET C 162 12.19 -12.17 -19.85
C MET C 162 13.45 -11.44 -19.43
N VAL C 163 13.29 -10.22 -18.92
CA VAL C 163 14.43 -9.49 -18.37
C VAL C 163 15.07 -10.31 -17.25
N ASN C 164 14.26 -10.83 -16.33
CA ASN C 164 14.77 -11.59 -15.20
C ASN C 164 15.46 -12.89 -15.60
N LEU C 165 15.08 -13.49 -16.73
CA LEU C 165 15.78 -14.66 -17.23
C LEU C 165 17.18 -14.35 -17.75
N CYS C 166 17.38 -13.14 -18.26
CA CYS C 166 18.62 -12.69 -18.89
C CYS C 166 19.65 -12.01 -17.98
N ARG C 167 19.25 -11.48 -16.83
CA ARG C 167 20.13 -10.60 -16.05
C ARG C 167 21.11 -11.14 -15.03
N HIS C 168 21.14 -12.41 -14.71
CA HIS C 168 22.07 -12.84 -13.69
C HIS C 168 23.26 -13.47 -14.42
N LYS C 169 24.48 -13.21 -13.97
CA LYS C 169 25.62 -13.54 -14.82
C LYS C 169 26.51 -14.60 -14.19
N ASP C 170 26.19 -15.09 -12.99
CA ASP C 170 26.99 -16.08 -12.27
C ASP C 170 26.15 -17.30 -11.90
N PRO C 171 25.81 -18.18 -12.86
CA PRO C 171 26.12 -18.12 -14.30
C PRO C 171 25.08 -17.31 -15.09
N PRO C 172 25.38 -16.98 -16.34
CA PRO C 172 24.33 -16.53 -17.27
C PRO C 172 23.36 -17.66 -17.57
N PRO C 173 22.18 -17.36 -18.10
CA PRO C 173 21.23 -18.44 -18.41
C PRO C 173 21.83 -19.39 -19.43
N PRO C 174 21.37 -20.63 -19.46
CA PRO C 174 21.95 -21.59 -20.39
C PRO C 174 21.78 -21.09 -21.82
N MET C 175 22.73 -21.48 -22.68
CA MET C 175 22.66 -21.09 -24.08
C MET C 175 21.33 -21.46 -24.72
N GLU C 176 20.80 -22.63 -24.43
CA GLU C 176 19.54 -23.02 -25.06
C GLU C 176 18.41 -22.07 -24.68
N THR C 177 18.44 -21.54 -23.45
CA THR C 177 17.44 -20.54 -23.07
C THR C 177 17.65 -19.24 -23.84
N ILE C 178 18.91 -18.81 -23.99
CA ILE C 178 19.20 -17.61 -24.76
C ILE C 178 18.72 -17.81 -26.19
N GLN C 179 18.92 -19.01 -26.73
CA GLN C 179 18.49 -19.32 -28.09
C GLN C 179 16.98 -19.21 -28.24
N GLU C 180 16.21 -19.55 -27.20
CA GLU C 180 14.76 -19.38 -27.26
C GLU C 180 14.35 -17.92 -27.11
N ILE C 181 15.02 -17.16 -26.26
CA ILE C 181 14.57 -15.79 -26.03
C ILE C 181 14.90 -14.86 -27.18
N LEU C 182 16.03 -15.07 -27.87
CA LEU C 182 16.43 -14.08 -28.87
C LEU C 182 15.38 -14.00 -29.97
N PRO C 183 14.80 -15.09 -30.46
CA PRO C 183 13.73 -14.95 -31.46
C PRO C 183 12.52 -14.17 -30.94
N ALA C 184 12.19 -14.28 -29.66
CA ALA C 184 11.11 -13.48 -29.09
C ALA C 184 11.46 -11.99 -29.00
N LEU C 185 12.70 -11.67 -28.65
CA LEU C 185 13.12 -10.27 -28.60
C LEU C 185 13.09 -9.63 -29.98
N CYS C 186 13.36 -10.39 -31.01
CA CYS C 186 13.37 -9.89 -32.40
C CYS C 186 11.98 -9.41 -32.76
N VAL C 187 10.93 -10.04 -32.26
CA VAL C 187 9.51 -9.67 -32.48
C VAL C 187 9.09 -8.42 -31.72
N LEU C 188 9.53 -8.33 -30.47
CA LEU C 188 9.12 -7.33 -29.46
C LEU C 188 9.86 -6.02 -29.60
N ILE C 189 10.93 -5.97 -30.38
CA ILE C 189 11.73 -4.73 -30.60
C ILE C 189 11.01 -3.80 -31.56
N HIS C 190 10.02 -4.28 -32.28
CA HIS C 190 9.16 -3.54 -33.21
C HIS C 190 7.89 -3.09 -32.51
N HIS C 191 7.71 -3.37 -31.22
CA HIS C 191 6.52 -2.92 -30.46
C HIS C 191 6.60 -1.41 -30.30
N THR C 192 5.45 -0.75 -30.26
CA THR C 192 5.36 0.71 -30.10
C THR C 192 5.21 1.04 -28.62
N ASP C 193 4.80 0.12 -27.75
CA ASP C 193 4.63 0.46 -26.33
C ASP C 193 5.99 0.69 -25.69
N VAL C 194 6.15 1.81 -24.99
CA VAL C 194 7.45 2.18 -24.45
C VAL C 194 7.93 1.19 -23.39
N ASN C 195 7.07 0.80 -22.47
CA ASN C 195 7.49 -0.10 -21.40
C ASN C 195 7.94 -1.44 -21.96
N ILE C 196 7.22 -1.98 -22.95
CA ILE C 196 7.67 -3.18 -23.64
C ILE C 196 9.01 -2.95 -24.32
N LEU C 197 9.14 -1.84 -24.99
CA LEU C 197 10.36 -1.49 -25.72
C LEU C 197 11.51 -1.32 -24.74
N VAL C 198 11.32 -0.63 -23.62
CA VAL C 198 12.36 -0.43 -22.62
C VAL C 198 12.83 -1.78 -22.08
N ASP C 199 11.88 -2.67 -21.73
CA ASP C 199 12.24 -3.96 -21.17
C ASP C 199 12.96 -4.83 -22.21
N THR C 200 12.44 -4.84 -23.44
CA THR C 200 13.09 -5.60 -24.51
C THR C 200 14.55 -5.23 -24.67
N VAL C 201 14.84 -3.93 -24.70
CA VAL C 201 16.21 -3.45 -24.92
C VAL C 201 17.08 -3.71 -23.69
N TRP C 202 16.54 -3.54 -22.49
CA TRP C 202 17.29 -3.89 -21.29
C TRP C 202 17.67 -5.38 -21.30
N ALA C 203 16.75 -6.25 -21.73
CA ALA C 203 17.08 -7.66 -21.83
C ALA C 203 18.29 -7.87 -22.73
N LEU C 204 18.32 -7.19 -23.88
CA LEU C 204 19.48 -7.29 -24.78
C LEU C 204 20.74 -6.81 -24.08
N SER C 205 20.64 -5.74 -23.29
CA SER C 205 21.83 -5.23 -22.63
C SER C 205 22.37 -6.22 -21.61
N TYR C 206 21.50 -7.04 -20.97
CA TYR C 206 21.96 -8.08 -20.05
C TYR C 206 22.63 -9.24 -20.77
N LEU C 207 22.14 -9.62 -21.94
CA LEU C 207 22.76 -10.67 -22.75
C LEU C 207 24.13 -10.25 -23.27
N THR C 208 24.28 -9.00 -23.68
CA THR C 208 25.53 -8.51 -24.24
C THR C 208 26.61 -8.26 -23.19
N ASP C 209 26.29 -8.27 -21.90
CA ASP C 209 27.33 -8.16 -20.87
C ASP C 209 27.86 -9.49 -20.38
N ALA C 210 27.38 -10.61 -20.91
CA ALA C 210 27.68 -11.94 -20.37
C ALA C 210 28.95 -12.55 -20.96
N GLY C 211 29.52 -11.95 -22.00
CA GLY C 211 30.71 -12.50 -22.63
C GLY C 211 30.63 -12.48 -24.14
N ASN C 212 31.76 -12.74 -24.81
CA ASN C 212 31.82 -12.59 -26.26
C ASN C 212 30.96 -13.65 -26.98
N GLU C 213 30.76 -14.82 -26.39
CA GLU C 213 29.93 -15.82 -27.06
C GLU C 213 28.45 -15.39 -27.05
N GLN C 214 27.99 -14.74 -25.98
CA GLN C 214 26.62 -14.24 -25.96
C GLN C 214 26.45 -13.02 -26.87
N ILE C 215 27.47 -12.16 -26.96
CA ILE C 215 27.43 -11.07 -27.93
C ILE C 215 27.21 -11.62 -29.33
N GLN C 216 27.95 -12.67 -29.68
CA GLN C 216 27.86 -13.25 -31.01
C GLN C 216 26.47 -13.83 -31.25
N MET C 217 25.88 -14.45 -30.23
CA MET C 217 24.51 -14.93 -30.39
C MET C 217 23.55 -13.80 -30.68
N VAL C 218 23.70 -12.70 -29.96
CA VAL C 218 22.85 -11.52 -30.20
C VAL C 218 23.04 -11.00 -31.61
N ILE C 219 24.31 -10.85 -32.05
CA ILE C 219 24.57 -10.43 -33.42
C ILE C 219 23.88 -11.36 -34.41
N ASP C 220 24.05 -12.67 -34.22
CA ASP C 220 23.52 -13.67 -35.15
C ASP C 220 22.01 -13.70 -35.21
N SER C 221 21.31 -13.15 -34.22
CA SER C 221 19.86 -13.11 -34.31
C SER C 221 19.43 -12.14 -35.37
N GLY C 222 20.33 -11.24 -35.77
CA GLY C 222 20.03 -10.18 -36.71
C GLY C 222 19.47 -8.92 -36.12
N ILE C 223 19.39 -8.81 -34.79
CA ILE C 223 18.67 -7.70 -34.17
C ILE C 223 19.46 -6.40 -34.11
N VAL C 224 20.79 -6.44 -34.24
CA VAL C 224 21.58 -5.22 -34.00
C VAL C 224 21.16 -4.09 -34.92
N PRO C 225 20.84 -4.31 -36.20
CA PRO C 225 20.39 -3.18 -37.01
C PRO C 225 19.08 -2.58 -36.55
N HIS C 226 18.33 -3.29 -35.75
CA HIS C 226 17.06 -2.80 -35.17
C HIS C 226 17.33 -2.16 -33.80
N LEU C 227 18.45 -2.47 -33.17
CA LEU C 227 18.81 -1.93 -31.87
C LEU C 227 19.51 -0.58 -32.03
N VAL C 228 20.48 -0.51 -32.94
CA VAL C 228 21.28 0.71 -33.10
C VAL C 228 20.42 1.94 -33.33
N PRO C 229 19.39 1.90 -34.17
CA PRO C 229 18.64 3.14 -34.43
C PRO C 229 17.84 3.63 -33.22
N LEU C 230 17.67 2.80 -32.18
CA LEU C 230 17.01 3.24 -30.96
C LEU C 230 17.85 4.21 -30.13
N LEU C 231 19.14 4.41 -30.45
CA LEU C 231 19.92 5.47 -29.83
C LEU C 231 19.32 6.86 -30.02
N SER C 232 18.51 7.06 -31.05
CA SER C 232 17.82 8.32 -31.30
C SER C 232 16.31 8.24 -31.08
N HIS C 233 15.84 7.26 -30.30
CA HIS C 233 14.43 7.17 -29.95
C HIS C 233 13.99 8.41 -29.17
N GLN C 234 12.69 8.73 -29.25
CA GLN C 234 12.18 9.88 -28.49
C GLN C 234 12.22 9.71 -26.97
N GLU C 235 12.07 8.49 -26.43
CA GLU C 235 12.04 8.29 -24.98
C GLU C 235 13.47 8.03 -24.48
N VAL C 236 13.95 8.85 -23.52
CA VAL C 236 15.33 8.70 -23.06
C VAL C 236 15.58 7.34 -22.41
N LYS C 237 14.57 6.73 -21.78
CA LYS C 237 14.78 5.42 -21.18
C LYS C 237 15.16 4.38 -22.24
N VAL C 238 14.60 4.50 -23.44
CA VAL C 238 14.96 3.62 -24.53
C VAL C 238 16.37 3.91 -25.04
N GLN C 239 16.68 5.19 -25.25
CA GLN C 239 18.03 5.55 -25.71
C GLN C 239 19.13 5.00 -24.82
N THR C 240 19.02 5.16 -23.50
CA THR C 240 20.13 4.74 -22.65
C THR C 240 20.22 3.23 -22.52
N ALA C 241 19.09 2.51 -22.52
CA ALA C 241 19.15 1.05 -22.62
C ALA C 241 19.88 0.59 -23.87
N ALA C 242 19.58 1.22 -25.02
CA ALA C 242 20.21 0.79 -26.25
C ALA C 242 21.69 1.15 -26.22
N LEU C 243 22.02 2.30 -25.64
CA LEU C 243 23.41 2.70 -25.51
C LEU C 243 24.19 1.71 -24.66
N ARG C 244 23.59 1.18 -23.59
CA ARG C 244 24.26 0.12 -22.86
C ARG C 244 24.41 -1.13 -23.72
N ALA C 245 23.35 -1.52 -24.44
CA ALA C 245 23.38 -2.78 -25.16
C ALA C 245 24.42 -2.77 -26.29
N VAL C 246 24.43 -1.70 -27.10
CA VAL C 246 25.42 -1.59 -28.17
C VAL C 246 26.79 -1.28 -27.56
N GLY C 247 26.82 -0.55 -26.45
CA GLY C 247 28.09 -0.28 -25.80
C GLY C 247 28.77 -1.56 -25.39
N ASN C 248 28.00 -2.54 -24.91
CA ASN C 248 28.55 -3.84 -24.53
C ASN C 248 29.03 -4.65 -25.73
N ILE C 249 28.30 -4.58 -26.86
CA ILE C 249 28.74 -5.27 -28.07
C ILE C 249 30.13 -4.84 -28.51
N VAL C 250 30.41 -3.53 -28.49
CA VAL C 250 31.69 -3.04 -28.97
C VAL C 250 32.80 -3.22 -27.93
N THR C 251 32.49 -3.92 -26.84
CA THR C 251 33.57 -4.45 -26.00
C THR C 251 34.13 -5.75 -26.53
N GLY C 252 33.54 -6.30 -27.57
CA GLY C 252 33.95 -7.55 -28.14
C GLY C 252 35.09 -7.37 -29.12
N THR C 253 35.18 -8.29 -30.07
CA THR C 253 36.26 -8.25 -31.03
C THR C 253 36.07 -7.14 -32.05
N ASP C 254 37.09 -6.90 -32.86
CA ASP C 254 37.05 -5.88 -33.95
C ASP C 254 35.97 -6.27 -34.94
N GLU C 255 35.86 -7.55 -35.23
CA GLU C 255 34.82 -7.99 -36.15
C GLU C 255 33.44 -7.70 -35.59
N GLN C 256 33.24 -7.98 -34.30
CA GLN C 256 31.98 -7.71 -33.60
C GLN C 256 31.68 -6.23 -33.50
N THR C 257 32.70 -5.43 -33.21
CA THR C 257 32.53 -3.99 -33.16
C THR C 257 32.08 -3.43 -34.50
N GLN C 258 32.63 -3.95 -35.59
CA GLN C 258 32.31 -3.43 -36.91
C GLN C 258 30.86 -3.65 -37.30
N VAL C 259 30.22 -4.72 -36.82
CA VAL C 259 28.79 -4.91 -37.05
C VAL C 259 28.01 -3.71 -36.55
N VAL C 260 28.37 -3.19 -35.37
CA VAL C 260 27.67 -2.04 -34.81
C VAL C 260 27.95 -0.81 -35.65
N LEU C 261 29.21 -0.58 -36.04
CA LEU C 261 29.53 0.60 -36.85
C LEU C 261 28.83 0.57 -38.20
N ASN C 262 28.72 -0.62 -38.81
CA ASN C 262 28.03 -0.74 -40.10
C ASN C 262 26.56 -0.37 -40.00
N CYS C 263 26.01 -0.29 -38.79
CA CYS C 263 24.65 0.19 -38.59
C CYS C 263 24.61 1.71 -38.48
N ASP C 264 25.72 2.40 -38.79
CA ASP C 264 25.82 3.84 -38.69
C ASP C 264 25.69 4.31 -37.25
N ALA C 265 26.22 3.52 -36.31
CA ALA C 265 26.13 3.91 -34.91
C ALA C 265 26.67 5.32 -34.67
N LEU C 266 27.76 5.69 -35.34
CA LEU C 266 28.41 6.95 -35.01
C LEU C 266 27.55 8.16 -35.37
N SER C 267 26.62 8.01 -36.31
CA SER C 267 25.74 9.10 -36.64
C SER C 267 24.80 9.48 -35.52
N HIS C 268 24.62 8.62 -34.52
CA HIS C 268 23.74 8.89 -33.39
C HIS C 268 24.41 9.60 -32.23
N PHE C 269 25.72 9.82 -32.28
CA PHE C 269 26.47 10.28 -31.13
C PHE C 269 26.56 11.78 -30.91
N PRO C 270 26.43 12.63 -31.93
CA PRO C 270 26.45 14.06 -31.61
C PRO C 270 25.38 14.44 -30.60
N ALA C 271 24.20 13.83 -30.70
CA ALA C 271 23.09 14.10 -29.79
C ALA C 271 23.25 13.45 -28.43
N LEU C 272 24.18 12.50 -28.29
CA LEU C 272 24.51 11.92 -27.00
C LEU C 272 25.67 12.61 -26.29
N LEU C 273 26.67 13.08 -27.03
CA LEU C 273 27.79 13.77 -26.41
C LEU C 273 27.39 15.16 -25.91
N THR C 274 26.37 15.76 -26.53
CA THR C 274 25.82 17.05 -26.13
C THR C 274 24.57 16.95 -25.28
N HIS C 275 24.12 15.74 -24.92
CA HIS C 275 22.88 15.59 -24.15
C HIS C 275 23.01 16.37 -22.84
N PRO C 276 21.93 17.02 -22.37
CA PRO C 276 22.01 17.67 -21.06
C PRO C 276 22.40 16.74 -19.92
N LYS C 277 22.02 15.46 -19.96
CA LYS C 277 22.28 14.53 -18.86
C LYS C 277 23.71 14.00 -18.95
N GLU C 278 24.51 14.29 -17.92
CA GLU C 278 25.91 13.87 -17.89
C GLU C 278 26.05 12.37 -17.95
N LYS C 279 25.11 11.62 -17.39
CA LYS C 279 25.25 10.17 -17.40
C LYS C 279 25.26 9.67 -18.84
N ILE C 280 24.49 10.32 -19.73
CA ILE C 280 24.49 9.91 -21.14
C ILE C 280 25.80 10.31 -21.80
N ASN C 281 26.30 11.52 -21.53
CA ASN C 281 27.62 11.88 -22.04
C ASN C 281 28.64 10.82 -21.66
N LYS C 282 28.61 10.35 -20.43
CA LYS C 282 29.62 9.40 -19.89
C LYS C 282 29.46 8.04 -20.56
N GLU C 283 28.24 7.64 -20.86
CA GLU C 283 27.98 6.33 -21.48
C GLU C 283 28.43 6.43 -22.93
N ALA C 284 28.22 7.57 -23.58
CA ALA C 284 28.58 7.76 -24.98
C ALA C 284 30.08 7.86 -25.18
N VAL C 285 30.79 8.55 -24.28
CA VAL C 285 32.24 8.64 -24.43
C VAL C 285 32.90 7.30 -24.15
N TRP C 286 32.29 6.51 -23.29
CA TRP C 286 32.77 5.15 -22.94
C TRP C 286 32.57 4.25 -24.14
N PHE C 287 31.52 4.39 -24.89
CA PHE C 287 31.37 3.70 -26.17
C PHE C 287 32.49 4.07 -27.13
N LEU C 288 32.71 5.37 -27.33
CA LEU C 288 33.73 5.80 -28.28
C LEU C 288 35.13 5.35 -27.86
N SER C 289 35.40 5.28 -26.55
CA SER C 289 36.71 4.82 -26.10
C SER C 289 36.98 3.37 -26.54
N ASN C 290 35.92 2.57 -26.71
CA ASN C 290 36.07 1.20 -27.20
C ASN C 290 36.17 1.13 -28.72
N ILE C 291 35.69 2.15 -29.44
CA ILE C 291 35.92 2.21 -30.88
C ILE C 291 37.37 2.59 -31.16
N THR C 292 37.89 3.58 -30.43
CA THR C 292 39.25 4.03 -30.73
C THR C 292 40.28 2.99 -30.29
N ALA C 293 39.85 2.01 -29.49
CA ALA C 293 40.70 0.87 -29.09
C ALA C 293 40.77 -0.18 -30.19
N GLY C 294 39.94 -0.10 -31.24
CA GLY C 294 39.85 -1.02 -32.38
C GLY C 294 40.87 -0.73 -33.47
N ASN C 295 40.68 -1.27 -34.66
CA ASN C 295 41.67 -1.18 -35.76
C ASN C 295 41.71 0.22 -36.36
N GLN C 296 42.79 0.52 -37.09
CA GLN C 296 42.97 1.83 -37.72
C GLN C 296 41.76 2.24 -38.56
N GLN C 297 41.05 1.28 -39.15
CA GLN C 297 39.90 1.65 -39.99
C GLN C 297 38.76 2.15 -39.11
N GLN C 298 38.65 1.62 -37.89
CA GLN C 298 37.63 2.03 -36.93
C GLN C 298 37.98 3.37 -36.27
N VAL C 299 39.26 3.58 -35.96
CA VAL C 299 39.71 4.90 -35.51
C VAL C 299 39.35 5.98 -36.52
N GLN C 300 39.63 5.73 -37.80
CA GLN C 300 39.31 6.72 -38.83
C GLN C 300 37.81 6.96 -38.90
N ALA C 301 37.00 5.94 -38.65
CA ALA C 301 35.55 6.14 -38.63
C ALA C 301 35.14 7.15 -37.57
N VAL C 302 35.77 7.09 -36.39
CA VAL C 302 35.47 8.07 -35.35
C VAL C 302 35.93 9.47 -35.76
N ILE C 303 37.10 9.59 -36.36
CA ILE C 303 37.58 10.90 -36.83
C ILE C 303 36.63 11.46 -37.88
N ASP C 304 36.28 10.64 -38.88
CA ASP C 304 35.47 11.12 -40.00
C ASP C 304 34.05 11.49 -39.58
N ALA C 305 33.56 10.96 -38.48
CA ALA C 305 32.27 11.42 -37.97
C ALA C 305 32.37 12.75 -37.20
N ASN C 306 33.55 13.39 -37.16
CA ASN C 306 33.71 14.69 -36.50
C ASN C 306 33.43 14.62 -35.00
N LEU C 307 33.77 13.49 -34.38
CA LEU C 307 33.44 13.30 -32.98
C LEU C 307 34.61 13.69 -32.07
N VAL C 308 35.81 13.78 -32.62
CA VAL C 308 36.98 14.06 -31.78
C VAL C 308 36.85 15.42 -31.14
N PRO C 309 36.44 16.49 -31.85
CA PRO C 309 36.29 17.79 -31.19
C PRO C 309 35.29 17.76 -30.05
N MET C 310 34.20 17.02 -30.24
CA MET C 310 33.21 16.89 -29.18
C MET C 310 33.80 16.19 -27.98
N ILE C 311 34.60 15.14 -28.21
CA ILE C 311 35.29 14.44 -27.12
C ILE C 311 36.27 15.35 -26.38
N ILE C 312 37.07 16.11 -27.13
CA ILE C 312 38.08 16.95 -26.48
C ILE C 312 37.41 18.02 -25.64
N HIS C 313 36.28 18.56 -26.12
CA HIS C 313 35.53 19.48 -25.29
C HIS C 313 35.16 18.84 -23.95
N LEU C 314 34.71 17.57 -23.98
CA LEU C 314 34.33 16.89 -22.73
C LEU C 314 35.55 16.59 -21.88
N LEU C 315 36.70 16.33 -22.53
CA LEU C 315 37.96 16.16 -21.81
C LEU C 315 38.33 17.38 -20.98
N ASP C 316 38.00 18.59 -21.48
CA ASP C 316 38.33 19.86 -20.83
C ASP C 316 37.30 20.32 -19.79
N LYS C 317 36.01 20.25 -20.12
CA LYS C 317 34.97 20.89 -19.32
C LYS C 317 33.94 19.91 -18.75
N GLY C 318 34.08 18.61 -19.00
CA GLY C 318 33.14 17.64 -18.50
C GLY C 318 33.28 17.26 -17.03
N ASP C 319 32.25 16.54 -16.55
CA ASP C 319 32.25 15.90 -15.25
C ASP C 319 33.36 14.87 -15.15
N PHE C 320 33.83 14.62 -13.91
CA PHE C 320 35.01 13.79 -13.72
C PHE C 320 34.81 12.40 -14.32
N GLY C 321 33.60 11.84 -14.20
CA GLY C 321 33.36 10.54 -14.78
C GLY C 321 33.47 10.55 -16.28
N THR C 322 32.98 11.61 -16.90
CA THR C 322 33.08 11.76 -18.35
C THR C 322 34.52 12.07 -18.74
N GLN C 323 35.17 12.92 -17.95
CA GLN C 323 36.57 13.23 -18.20
C GLN C 323 37.42 11.97 -18.21
N LYS C 324 37.18 11.06 -17.25
CA LYS C 324 37.97 9.83 -17.19
C LYS C 324 37.81 8.98 -18.44
N GLU C 325 36.60 8.85 -18.95
CA GLU C 325 36.37 8.03 -20.16
C GLU C 325 36.97 8.76 -21.35
N ALA C 326 36.85 10.07 -21.43
CA ALA C 326 37.44 10.78 -22.55
C ALA C 326 38.95 10.64 -22.54
N ALA C 327 39.56 10.61 -21.35
CA ALA C 327 40.99 10.36 -21.26
C ALA C 327 41.35 9.00 -21.86
N TRP C 328 40.62 7.95 -21.49
CA TRP C 328 40.82 6.66 -22.14
C TRP C 328 40.62 6.72 -23.65
N ALA C 329 39.60 7.43 -24.13
CA ALA C 329 39.35 7.47 -25.57
C ALA C 329 40.53 8.09 -26.30
N ILE C 330 41.11 9.14 -25.72
CA ILE C 330 42.27 9.78 -26.30
C ILE C 330 43.47 8.84 -26.22
N SER C 331 43.76 8.32 -25.02
CA SER C 331 44.94 7.47 -24.87
C SER C 331 44.82 6.24 -25.75
N ASN C 332 43.63 5.64 -25.82
CA ASN C 332 43.54 4.42 -26.61
C ASN C 332 43.78 4.75 -28.08
N LEU C 333 43.38 5.96 -28.49
CA LEU C 333 43.61 6.42 -29.85
C LEU C 333 45.11 6.45 -30.17
N THR C 334 45.95 6.79 -29.17
CA THR C 334 47.38 6.90 -29.43
C THR C 334 47.99 5.51 -29.58
N ILE C 335 47.49 4.54 -28.83
CA ILE C 335 48.06 3.18 -28.80
C ILE C 335 47.94 2.60 -30.19
N SER C 336 46.71 2.49 -30.69
CA SER C 336 46.40 1.93 -32.03
C SER C 336 45.82 3.01 -32.92
N GLY C 337 46.67 3.92 -33.48
CA GLY C 337 46.42 5.04 -34.38
C GLY C 337 47.63 5.25 -35.26
N ARG C 338 47.39 5.74 -36.47
CA ARG C 338 48.47 6.06 -37.40
C ARG C 338 49.10 7.40 -37.01
N LYS C 339 50.33 7.62 -37.47
CA LYS C 339 50.97 8.91 -37.20
C LYS C 339 50.09 10.08 -37.60
N ASP C 340 49.42 9.99 -38.76
CA ASP C 340 48.59 11.08 -39.25
C ASP C 340 47.30 11.23 -38.45
N GLN C 341 46.80 10.14 -37.84
CA GLN C 341 45.59 10.24 -37.04
C GLN C 341 45.89 10.91 -35.72
N VAL C 342 47.05 10.60 -35.14
CA VAL C 342 47.52 11.27 -33.93
C VAL C 342 47.81 12.74 -34.20
N ALA C 343 48.42 13.04 -35.36
CA ALA C 343 48.64 14.43 -35.74
C ALA C 343 47.34 15.22 -35.75
N TYR C 344 46.24 14.60 -36.20
CA TYR C 344 44.95 15.28 -36.19
C TYR C 344 44.57 15.69 -34.76
N LEU C 345 44.79 14.80 -33.79
CA LEU C 345 44.53 15.17 -32.39
C LEU C 345 45.28 16.43 -31.98
N ILE C 346 46.57 16.51 -32.33
CA ILE C 346 47.37 17.66 -31.94
C ILE C 346 46.79 18.94 -32.55
N GLN C 347 46.40 18.87 -33.82
CA GLN C 347 45.83 20.05 -34.46
C GLN C 347 44.57 20.51 -33.76
N GLN C 348 43.80 19.58 -33.19
CA GLN C 348 42.59 19.95 -32.46
C GLN C 348 42.84 20.37 -31.01
N ASN C 349 44.09 20.59 -30.62
CA ASN C 349 44.40 21.25 -29.35
C ASN C 349 44.04 20.32 -28.19
N VAL C 350 44.28 19.02 -28.39
CA VAL C 350 44.06 18.02 -27.34
C VAL C 350 45.02 18.21 -26.16
N ILE C 351 46.20 18.77 -26.39
CA ILE C 351 47.32 18.66 -25.45
C ILE C 351 46.98 19.38 -24.15
N PRO C 352 46.49 20.63 -24.17
CA PRO C 352 46.27 21.34 -22.91
C PRO C 352 45.24 20.66 -22.03
N PRO C 353 44.05 20.31 -22.55
CA PRO C 353 43.06 19.68 -21.66
C PRO C 353 43.47 18.30 -21.20
N PHE C 354 44.25 17.59 -22.02
CA PHE C 354 44.77 16.28 -21.63
C PHE C 354 45.72 16.42 -20.45
N CYS C 355 46.66 17.38 -20.54
CA CYS C 355 47.63 17.59 -19.47
C CYS C 355 47.00 18.09 -18.18
N ASN C 356 45.86 18.78 -18.26
CA ASN C 356 45.19 19.28 -17.07
C ASN C 356 44.71 18.16 -16.17
N LEU C 357 44.61 16.95 -16.69
CA LEU C 357 44.18 15.80 -15.89
C LEU C 357 45.34 15.15 -15.14
N LEU C 358 46.55 15.66 -15.32
CA LEU C 358 47.74 15.08 -14.69
C LEU C 358 47.74 15.25 -13.18
N THR C 359 46.93 16.17 -12.65
CA THR C 359 46.94 16.54 -11.24
C THR C 359 45.82 15.93 -10.42
N VAL C 360 44.97 15.07 -11.00
CA VAL C 360 43.81 14.59 -10.26
C VAL C 360 44.25 13.55 -9.22
N LYS C 361 43.35 13.29 -8.25
CA LYS C 361 43.62 12.33 -7.19
C LYS C 361 43.40 10.87 -7.59
N ASP C 362 42.72 10.62 -8.71
CA ASP C 362 42.52 9.26 -9.24
C ASP C 362 43.75 8.81 -10.03
N ALA C 363 44.56 7.96 -9.41
CA ALA C 363 45.82 7.51 -10.02
C ALA C 363 45.60 6.74 -11.32
N GLN C 364 44.46 6.05 -11.46
CA GLN C 364 44.23 5.30 -12.71
C GLN C 364 44.17 6.24 -13.91
N VAL C 365 43.48 7.38 -13.77
CA VAL C 365 43.42 8.36 -14.85
C VAL C 365 44.81 8.93 -15.13
N VAL C 366 45.55 9.25 -14.07
CA VAL C 366 46.90 9.80 -14.22
C VAL C 366 47.79 8.86 -15.03
N GLN C 367 47.76 7.56 -14.71
CA GLN C 367 48.59 6.62 -15.46
C GLN C 367 48.21 6.64 -16.93
N VAL C 368 46.91 6.65 -17.21
CA VAL C 368 46.42 6.67 -18.59
C VAL C 368 46.96 7.89 -19.32
N VAL C 369 46.91 9.06 -18.66
CA VAL C 369 47.34 10.30 -19.31
C VAL C 369 48.84 10.27 -19.60
N LEU C 370 49.63 9.85 -18.60
CA LEU C 370 51.08 9.76 -18.79
C LEU C 370 51.44 8.75 -19.87
N ASP C 371 50.74 7.61 -19.92
CA ASP C 371 50.97 6.65 -20.99
C ASP C 371 50.71 7.28 -22.36
N GLY C 372 49.61 8.02 -22.49
CA GLY C 372 49.27 8.64 -23.75
C GLY C 372 50.24 9.75 -24.14
N LEU C 373 50.64 10.58 -23.18
CA LEU C 373 51.65 11.61 -23.45
C LEU C 373 52.95 10.97 -23.89
N SER C 374 53.38 9.91 -23.21
CA SER C 374 54.60 9.22 -23.60
C SER C 374 54.49 8.67 -25.02
N ASN C 375 53.36 8.02 -25.32
CA ASN C 375 53.16 7.45 -26.65
C ASN C 375 53.12 8.53 -27.72
N ILE C 376 52.48 9.67 -27.44
CA ILE C 376 52.45 10.76 -28.41
C ILE C 376 53.85 11.21 -28.75
N LEU C 377 54.69 11.45 -27.74
CA LEU C 377 56.05 11.91 -28.00
C LEU C 377 56.86 10.85 -28.74
N LYS C 378 56.71 9.58 -28.33
CA LYS C 378 57.44 8.49 -28.97
C LYS C 378 57.05 8.27 -30.42
N MET C 379 55.79 8.53 -30.79
CA MET C 379 55.41 8.21 -32.16
C MET C 379 55.86 9.27 -33.15
N ALA C 380 56.05 10.51 -32.71
CA ALA C 380 56.48 11.60 -33.59
C ALA C 380 58.01 11.64 -33.58
N GLU C 381 58.60 10.67 -34.27
CA GLU C 381 60.06 10.45 -34.25
C GLU C 381 60.86 11.74 -34.42
N ASP C 382 60.66 12.45 -35.54
CA ASP C 382 61.42 13.68 -35.80
C ASP C 382 60.74 14.93 -35.25
N GLU C 383 59.41 14.97 -35.26
CA GLU C 383 58.65 16.11 -34.78
C GLU C 383 58.60 16.17 -33.24
N ALA C 384 59.32 15.26 -32.57
CA ALA C 384 59.32 15.17 -31.11
C ALA C 384 59.70 16.46 -30.41
N GLU C 385 60.53 17.30 -31.03
CA GLU C 385 60.94 18.54 -30.37
C GLU C 385 59.81 19.56 -30.36
N THR C 386 59.09 19.69 -31.47
CA THR C 386 57.90 20.53 -31.55
C THR C 386 56.84 20.13 -30.52
N ILE C 387 56.57 18.82 -30.41
CA ILE C 387 55.53 18.35 -29.49
C ILE C 387 55.95 18.58 -28.03
N GLY C 388 57.23 18.39 -27.72
CA GLY C 388 57.70 18.67 -26.37
C GLY C 388 57.50 20.11 -25.94
N ASN C 389 57.69 21.05 -26.87
CA ASN C 389 57.49 22.46 -26.55
C ASN C 389 56.03 22.78 -26.22
N LEU C 390 55.08 22.20 -26.96
CA LEU C 390 53.67 22.39 -26.64
C LEU C 390 53.31 21.88 -25.24
N ILE C 391 53.84 20.71 -24.86
CA ILE C 391 53.63 20.20 -23.50
C ILE C 391 54.19 21.17 -22.47
N GLU C 392 55.36 21.74 -22.75
CA GLU C 392 55.95 22.72 -21.83
C GLU C 392 55.09 23.96 -21.73
N GLU C 393 54.58 24.46 -22.86
CA GLU C 393 53.89 25.74 -22.89
C GLU C 393 52.69 25.77 -21.95
N CYS C 394 51.96 24.66 -21.84
CA CYS C 394 50.77 24.59 -21.01
C CYS C 394 51.03 24.13 -19.58
N GLY C 395 52.29 24.01 -19.18
CA GLY C 395 52.58 23.56 -17.83
C GLY C 395 52.68 22.07 -17.64
N GLY C 396 52.60 21.28 -18.71
CA GLY C 396 52.63 19.83 -18.56
C GLY C 396 53.92 19.32 -17.97
N LEU C 397 55.05 19.96 -18.30
CA LEU C 397 56.33 19.55 -17.74
C LEU C 397 56.35 19.74 -16.23
N GLU C 398 55.87 20.89 -15.75
CA GLU C 398 55.81 21.11 -14.31
C GLU C 398 54.91 20.06 -13.65
N LYS C 399 53.83 19.68 -14.31
CA LYS C 399 52.94 18.66 -13.77
C LYS C 399 53.66 17.30 -13.67
N ILE C 400 54.43 16.97 -14.71
CA ILE C 400 55.23 15.74 -14.70
C ILE C 400 56.25 15.75 -13.57
N GLU C 401 56.94 16.88 -13.37
CA GLU C 401 57.89 16.97 -12.27
C GLU C 401 57.23 16.68 -10.93
N GLN C 402 56.03 17.23 -10.70
CA GLN C 402 55.34 16.98 -9.44
C GLN C 402 54.89 15.52 -9.29
N LEU C 403 54.51 14.86 -10.39
CA LEU C 403 54.12 13.45 -10.30
C LEU C 403 55.26 12.53 -9.90
N GLN C 404 56.51 12.98 -9.99
CA GLN C 404 57.63 12.24 -9.44
C GLN C 404 57.54 11.97 -7.94
N ASN C 405 56.73 12.74 -7.21
CA ASN C 405 56.54 12.53 -5.78
C ASN C 405 55.27 11.77 -5.45
N HIS C 406 54.61 11.18 -6.44
CA HIS C 406 53.38 10.43 -6.18
C HIS C 406 53.65 9.15 -5.40
N GLU C 407 52.64 8.77 -4.59
CA GLU C 407 52.64 7.52 -3.84
C GLU C 407 52.87 6.31 -4.73
N ASN C 408 52.33 6.32 -5.93
CA ASN C 408 52.17 5.14 -6.75
C ASN C 408 53.39 4.88 -7.63
N GLU C 409 53.97 3.68 -7.49
CA GLU C 409 55.24 3.37 -8.14
C GLU C 409 55.08 3.36 -9.65
N ASP C 410 53.95 2.84 -10.16
CA ASP C 410 53.75 2.82 -11.61
C ASP C 410 53.65 4.24 -12.16
N ILE C 411 53.13 5.17 -11.36
CA ILE C 411 53.08 6.58 -11.76
C ILE C 411 54.47 7.19 -11.71
N TYR C 412 55.15 7.08 -10.56
CA TYR C 412 56.40 7.81 -10.40
C TYR C 412 57.47 7.22 -11.32
N LYS C 413 57.43 5.90 -11.52
CA LYS C 413 58.34 5.27 -12.48
C LYS C 413 58.14 5.85 -13.87
N LEU C 414 56.88 5.96 -14.32
CA LEU C 414 56.60 6.45 -15.66
C LEU C 414 56.93 7.93 -15.82
N ALA C 415 56.79 8.72 -14.75
CA ALA C 415 57.13 10.14 -14.84
C ALA C 415 58.62 10.32 -15.04
N TYR C 416 59.44 9.55 -14.32
CA TYR C 416 60.88 9.60 -14.51
C TYR C 416 61.24 9.19 -15.93
N GLU C 417 60.67 8.08 -16.40
CA GLU C 417 60.98 7.59 -17.73
C GLU C 417 60.63 8.61 -18.80
N ILE C 418 59.47 9.26 -18.68
CA ILE C 418 59.08 10.25 -19.68
C ILE C 418 60.06 11.41 -19.70
N ILE C 419 60.45 11.91 -18.51
CA ILE C 419 61.33 13.06 -18.44
C ILE C 419 62.73 12.73 -18.96
N ASP C 420 63.22 11.52 -18.67
CA ASP C 420 64.53 11.13 -19.16
C ASP C 420 64.53 10.95 -20.68
N GLN C 421 63.46 10.38 -21.23
CA GLN C 421 63.43 10.05 -22.65
C GLN C 421 63.07 11.27 -23.49
N ARG D 6 46.86 -3.43 -27.09
CA ARG D 6 45.59 -2.65 -27.04
C ARG D 6 44.48 -3.52 -26.47
N ARG D 7 43.59 -2.96 -25.64
CA ARG D 7 42.46 -3.74 -25.04
C ARG D 7 41.25 -2.83 -24.79
N LYS D 8 40.08 -3.46 -24.63
CA LYS D 8 38.82 -2.81 -24.35
C LYS D 8 38.57 -2.80 -22.85
N ARG D 9 37.52 -2.08 -22.45
CA ARG D 9 37.17 -1.93 -21.04
C ARG D 9 35.71 -2.30 -20.83
N LYS D 10 35.40 -2.53 -19.55
CA LYS D 10 34.04 -2.67 -19.07
C LYS D 10 33.81 -1.54 -18.08
N ARG D 11 32.58 -1.09 -17.98
CA ARG D 11 32.23 0.15 -17.23
C ARG D 11 32.47 -0.05 -15.73
N GLU D 12 32.98 0.98 -15.06
CA GLU D 12 33.37 1.03 -13.63
C GLU D 12 32.41 1.93 -12.86
N TRP D 13 31.12 1.89 -13.19
CA TRP D 13 30.09 2.69 -12.47
C TRP D 13 28.89 1.79 -12.12
N ASP D 14 28.00 2.31 -11.27
CA ASP D 14 26.85 1.65 -10.58
C ASP D 14 25.75 1.03 -11.45
N ASP D 15 25.31 1.66 -12.53
CA ASP D 15 24.14 1.18 -13.33
C ASP D 15 22.97 1.00 -12.37
N ASP D 16 22.54 2.12 -11.78
CA ASP D 16 21.48 2.28 -10.80
C ASP D 16 20.09 2.46 -11.42
N ASP D 17 19.97 2.41 -12.75
CA ASP D 17 18.68 2.53 -13.41
C ASP D 17 18.11 1.16 -13.81
N ASP D 18 18.76 0.05 -13.39
CA ASP D 18 18.33 -1.30 -13.73
C ASP D 18 16.88 -1.49 -13.34
N PRO D 19 16.11 -2.30 -14.07
CA PRO D 19 14.69 -2.50 -13.71
C PRO D 19 14.54 -3.35 -12.46
N PRO D 20 13.38 -3.27 -11.79
CA PRO D 20 13.22 -4.00 -10.53
C PRO D 20 13.26 -5.50 -10.77
N LYS D 21 13.98 -6.21 -9.90
CA LYS D 21 14.00 -7.67 -10.01
C LYS D 21 12.67 -8.24 -9.54
N LYS D 22 12.20 -7.77 -8.40
CA LYS D 22 10.97 -8.25 -7.77
C LYS D 22 9.97 -7.10 -7.77
N ARG D 23 8.70 -7.44 -8.01
CA ARG D 23 7.64 -6.46 -8.07
C ARG D 23 6.45 -6.96 -7.26
N ARG D 24 5.89 -6.09 -6.43
CA ARG D 24 4.79 -6.41 -5.54
C ARG D 24 3.51 -5.77 -6.09
N ARG D 25 2.53 -6.61 -6.45
CA ARG D 25 1.33 -6.11 -7.10
C ARG D 25 0.39 -5.45 -6.11
N LEU D 26 -0.13 -4.27 -6.48
CA LEU D 26 -1.03 -3.50 -5.65
C LEU D 26 -2.42 -3.40 -6.27
#